data_6TBU
#
_entry.id   6TBU
#
_cell.length_a   1.00
_cell.length_b   1.00
_cell.length_c   1.00
_cell.angle_alpha   90.00
_cell.angle_beta   90.00
_cell.angle_gamma   90.00
#
_symmetry.space_group_name_H-M   'P 1'
#
loop_
_entity.id
_entity.type
_entity.pdbx_description
1 polymer 'Protein dispatched'
2 branched 2-acetamido-2-deoxy-beta-D-glucopyranose-(1-4)-2-acetamido-2-deoxy-beta-D-glucopyranose
3 non-polymer 'CHOLESTEROL HEMISUCCINATE'
4 non-polymer 2-acetamido-2-deoxy-beta-D-glucopyranose
#
_entity_poly.entity_id   1
_entity_poly.type   'polypeptide(L)'
_entity_poly.pdbx_seq_one_letter_code
;MLCFDSERMNWYYHVLARRPYLVVVSIAVYCVACIIVALVLNKLPDFSDPTLGFETRGTKIGERLTAWYNLLQETDHHGA
LFSNPSDLWERRRVEQGYVETKLHPNHRRRKNKHKNRNKNKRRKEQNQSSHEHHDVAQKMMQFKKRLKATSSPSPNLGFD
TWIGDSGVFRDYEITNDSASSSLEPTRRTEQIEYGHNTTSVDEEEHQQRVQTKKSTWRLLKQAATLPTDGWADMHRRQPI
EGFFCDSSPRKEYSHFVVQRIGPNATDSLFDLNGLLAMCQLQDQITEVPSYRAFCEPEMLTTECCRPWSLPNYAAMLANK
SSCFDLTTEDVTSLHTLLLGCYEYFHDLKMDNHCNEIPHCRAPEECKRLNIVFNVLNFLTDFSFIKSNDSNVYLKYAMIF
IPVAQSNRLLPLFHEWEDVELINELVEVVAMDLGLENELFNELLLTDVWLVSLGGTFVMASVWLYTGSAFITLMSCVAIC
FSLGLAYFFYAIVLEFEFFPYMNLLAVVVIIGIGADDVFLFLKIWHCVLTERFSNRCTLTTQSQSALPTLENSDHTESLE
NIMALTMRHAAASMFVTSLTTAGAFYASYSSSITAIKCFGIFAGTVVVTNYLLMITWLPASVSIMERLFATRMSCHHPMS
IKLIHACKKSINRFCQMFEECITKSIMNYAYLWLLIFGALGASSAVIVFWYPGLQLPEKSHFQLFVSKHPFEVYSSLKQQ
FWFEKPLQAYYNFKMHMHFVWGVQAVDDGDYTNPNSYGHLHYDNNFNVSSRPAQLWILDFCQSVRQQPFYKETLGMLLPN
CFIENLIDYMKRRCIDDMDSTRKDRSPCCDAQFPFEPHIFEYCLPQSISNMYDTTFFRPGVAGPKFAEAPRLETEDYLGM
SGNESAEYSTNGSFTPLLVKALVIEFESNVAYSTIYANIRQFYESVEHWFQMQLKTAPPELQGGWFTSDLKFYNVQDTLS
HDTFVAICLAMAASLAVLLCFTVNILISIYAVLTVSLSIFNTVAVLILLGWQLNILESIAVSTAIGLAVDFSLHYGIHYR
MSPVKERLAATQFVLSRIIGPTVMAATTTGLAGGIMMASNILPYIQIGVFLVVVMIVSWFYATFFLMSLLRVAGPQHGFL
ELKWPLWSKRSSGSSKFYERKPSQVIASEQLLTPTSSAIVELANSETHELESLNSNSLIKTISGIESAHALSSLPRDFEH
SFQTMHECKYQTYPSTSN
;
_entity_poly.pdbx_strand_id   A
#
loop_
_chem_comp.id
_chem_comp.type
_chem_comp.name
_chem_comp.formula
NAG D-saccharide, beta linking 2-acetamido-2-deoxy-beta-D-glucopyranose 'C8 H15 N O6'
Y01 non-polymer 'CHOLESTEROL HEMISUCCINATE' 'C31 H50 O4'
#
# COMPACT_ATOMS: atom_id res chain seq x y z
N SER A 6 -0.29 32.50 34.82
CA SER A 6 -1.55 31.92 34.40
C SER A 6 -2.62 32.99 34.23
N GLU A 7 -2.19 34.17 33.78
CA GLU A 7 -3.13 35.28 33.61
C GLU A 7 -3.70 35.30 32.19
N ARG A 8 -2.87 35.00 31.19
CA ARG A 8 -3.33 35.06 29.81
C ARG A 8 -4.36 33.97 29.53
N MET A 9 -4.15 32.78 30.09
CA MET A 9 -5.09 31.69 29.85
C MET A 9 -6.44 31.97 30.49
N ASN A 10 -6.45 32.76 31.57
CA ASN A 10 -7.72 33.18 32.15
C ASN A 10 -8.55 33.97 31.15
N TRP A 11 -7.89 34.79 30.34
CA TRP A 11 -8.60 35.55 29.32
C TRP A 11 -9.17 34.63 28.26
N TYR A 12 -8.41 33.59 27.87
CA TYR A 12 -8.91 32.65 26.88
C TYR A 12 -10.12 31.89 27.41
N TYR A 13 -10.06 31.46 28.67
CA TYR A 13 -11.20 30.78 29.28
C TYR A 13 -12.40 31.72 29.37
N HIS A 14 -12.16 32.99 29.70
CA HIS A 14 -13.26 33.95 29.75
C HIS A 14 -13.88 34.15 28.38
N VAL A 15 -13.05 34.14 27.33
CA VAL A 15 -13.58 34.28 25.98
C VAL A 15 -14.43 33.07 25.62
N LEU A 16 -13.94 31.88 25.97
CA LEU A 16 -14.67 30.66 25.63
C LEU A 16 -15.98 30.56 26.39
N ALA A 17 -16.02 31.08 27.61
CA ALA A 17 -17.22 30.96 28.44
C ALA A 17 -18.20 32.09 28.18
N ARG A 18 -17.70 33.29 27.89
CA ARG A 18 -18.55 34.48 27.84
C ARG A 18 -19.02 34.78 26.43
N ARG A 19 -18.18 34.51 25.43
CA ARG A 19 -18.50 34.75 24.02
C ARG A 19 -18.14 33.51 23.22
N PRO A 20 -18.91 32.43 23.34
CA PRO A 20 -18.60 31.22 22.56
C PRO A 20 -19.09 31.30 21.13
N TYR A 21 -20.20 32.00 20.90
CA TYR A 21 -20.74 32.15 19.55
C TYR A 21 -19.72 32.79 18.62
N LEU A 22 -18.89 33.68 19.16
CA LEU A 22 -17.85 34.30 18.34
C LEU A 22 -16.85 33.26 17.85
N VAL A 23 -16.34 32.43 18.75
CA VAL A 23 -15.39 31.39 18.37
C VAL A 23 -16.01 30.43 17.38
N VAL A 24 -17.27 30.03 17.64
CA VAL A 24 -17.94 29.08 16.76
C VAL A 24 -18.08 29.67 15.36
N VAL A 25 -18.55 30.91 15.26
CA VAL A 25 -18.77 31.53 13.97
C VAL A 25 -17.45 31.72 13.23
N SER A 26 -16.41 32.15 13.95
CA SER A 26 -15.12 32.38 13.31
C SER A 26 -14.53 31.08 12.79
N ILE A 27 -14.55 30.03 13.62
CA ILE A 27 -14.02 28.74 13.19
C ILE A 27 -14.79 28.22 11.99
N ALA A 28 -16.12 28.33 12.04
CA ALA A 28 -16.94 27.84 10.94
C ALA A 28 -16.63 28.58 9.65
N VAL A 29 -16.56 29.92 9.72
CA VAL A 29 -16.28 30.72 8.54
C VAL A 29 -14.92 30.36 7.95
N TYR A 30 -13.89 30.32 8.80
CA TYR A 30 -12.54 30.06 8.32
C TYR A 30 -12.43 28.67 7.72
N CYS A 31 -13.00 27.66 8.38
CA CYS A 31 -12.86 26.30 7.89
C CYS A 31 -13.67 26.09 6.61
N VAL A 32 -14.85 26.71 6.53
CA VAL A 32 -15.67 26.58 5.33
C VAL A 32 -14.98 27.27 4.16
N ALA A 33 -14.34 28.41 4.42
CA ALA A 33 -13.61 29.10 3.36
C ALA A 33 -12.43 28.27 2.88
N CYS A 34 -11.68 27.68 3.82
CA CYS A 34 -10.54 26.86 3.42
C CYS A 34 -11.00 25.64 2.64
N ILE A 35 -12.13 25.05 3.04
CA ILE A 35 -12.68 23.91 2.30
C ILE A 35 -13.07 24.33 0.89
N ILE A 36 -13.73 25.48 0.78
CA ILE A 36 -14.14 25.99 -0.53
C ILE A 36 -12.92 26.17 -1.42
N VAL A 37 -11.87 26.79 -0.88
CA VAL A 37 -10.66 27.02 -1.65
C VAL A 37 -10.04 25.70 -2.08
N ALA A 38 -9.94 24.74 -1.16
CA ALA A 38 -9.24 23.50 -1.46
C ALA A 38 -10.00 22.67 -2.50
N LEU A 39 -11.33 22.68 -2.43
CA LEU A 39 -12.11 21.87 -3.35
C LEU A 39 -12.30 22.55 -4.70
N VAL A 40 -12.25 23.88 -4.74
CA VAL A 40 -12.43 24.61 -5.99
C VAL A 40 -11.12 24.81 -6.75
N LEU A 41 -10.01 25.07 -6.05
CA LEU A 41 -8.75 25.43 -6.67
C LEU A 41 -7.92 24.22 -7.05
N ASN A 42 -7.86 23.20 -6.18
CA ASN A 42 -7.11 21.98 -6.45
C ASN A 42 -8.06 20.97 -7.06
N LYS A 43 -7.74 20.53 -8.27
CA LYS A 43 -8.60 19.59 -8.96
C LYS A 43 -8.44 18.20 -8.35
N LEU A 44 -9.49 17.40 -8.48
CA LEU A 44 -9.75 16.37 -7.49
C LEU A 44 -8.81 15.18 -7.67
N PRO A 45 -8.57 14.37 -6.59
CA PRO A 45 -7.64 13.24 -6.70
C PRO A 45 -8.07 12.13 -7.65
N ASP A 46 -7.20 11.73 -8.57
CA ASP A 46 -7.49 10.66 -9.51
C ASP A 46 -6.76 9.39 -9.07
N PHE A 47 -7.52 8.41 -8.57
CA PHE A 47 -6.97 7.10 -8.23
C PHE A 47 -7.11 6.15 -9.42
N SER A 48 -6.67 6.61 -10.59
CA SER A 48 -6.77 5.77 -11.79
C SER A 48 -5.86 4.55 -11.67
N ASP A 49 -4.73 4.70 -10.99
CA ASP A 49 -3.74 3.64 -10.83
C ASP A 49 -3.48 3.45 -9.34
N PRO A 50 -3.86 2.32 -8.73
CA PRO A 50 -3.68 2.19 -7.28
C PRO A 50 -2.22 2.08 -6.87
N THR A 51 -1.40 1.42 -7.69
CA THR A 51 0.01 1.24 -7.37
C THR A 51 0.80 2.46 -7.87
N LEU A 52 0.46 3.60 -7.28
CA LEU A 52 1.11 4.88 -7.55
C LEU A 52 1.79 5.35 -6.27
N GLY A 53 3.11 5.47 -6.34
CA GLY A 53 3.86 5.95 -5.19
C GLY A 53 4.33 4.87 -4.26
N PHE A 54 4.56 3.66 -4.76
CA PHE A 54 5.19 2.59 -4.00
C PHE A 54 6.62 2.41 -4.46
N GLU A 55 7.28 3.52 -4.79
CA GLU A 55 8.66 3.55 -5.23
C GLU A 55 9.49 4.37 -4.25
N THR A 56 10.75 4.00 -4.08
CA THR A 56 11.60 4.56 -3.05
C THR A 56 12.57 5.57 -3.66
N ARG A 57 12.05 6.78 -3.84
CA ARG A 57 12.88 7.86 -4.34
C ARG A 57 13.87 8.30 -3.26
N GLY A 58 15.10 8.57 -3.69
CA GLY A 58 16.15 9.05 -2.82
C GLY A 58 17.24 8.06 -2.50
N THR A 59 16.96 6.77 -2.64
CA THR A 59 17.95 5.76 -2.36
C THR A 59 18.92 5.60 -3.54
N LYS A 60 19.95 4.80 -3.32
CA LYS A 60 20.91 4.50 -4.38
C LYS A 60 20.22 3.83 -5.56
N ILE A 61 19.50 2.75 -5.29
CA ILE A 61 18.79 2.04 -6.35
C ILE A 61 17.71 2.93 -6.96
N GLY A 62 17.01 3.69 -6.13
CA GLY A 62 15.96 4.56 -6.66
C GLY A 62 16.52 5.68 -7.52
N GLU A 63 17.63 6.27 -7.08
CA GLU A 63 18.32 7.27 -7.90
C GLU A 63 18.72 6.68 -9.24
N ARG A 64 19.31 5.48 -9.21
CA ARG A 64 19.76 4.84 -10.43
C ARG A 64 18.60 4.54 -11.37
N LEU A 65 17.48 4.09 -10.82
CA LEU A 65 16.32 3.76 -11.64
C LEU A 65 15.70 5.00 -12.24
N THR A 66 15.65 6.10 -11.47
CA THR A 66 15.14 7.34 -12.03
C THR A 66 16.03 7.84 -13.16
N ALA A 67 17.34 7.77 -12.98
CA ALA A 67 18.25 8.18 -14.04
C ALA A 67 18.08 7.31 -15.28
N TRP A 68 17.96 6.00 -15.09
CA TRP A 68 17.78 5.09 -16.21
C TRP A 68 16.45 5.37 -16.92
N TYR A 69 15.41 5.72 -16.17
CA TYR A 69 14.13 6.02 -16.77
C TYR A 69 14.19 7.29 -17.59
N ASN A 70 14.83 8.32 -17.04
CA ASN A 70 14.97 9.58 -17.75
C ASN A 70 15.81 9.40 -19.01
N LEU A 71 16.79 8.49 -18.96
CA LEU A 71 17.59 8.19 -20.14
C LEU A 71 16.70 7.70 -21.29
N LEU A 72 15.90 6.66 -21.03
CA LEU A 72 15.01 6.15 -22.07
C LEU A 72 13.99 7.21 -22.48
N GLN A 73 13.57 8.05 -21.54
CA GLN A 73 12.68 9.15 -21.86
C GLN A 73 13.33 10.13 -22.81
N GLU A 74 14.66 10.22 -22.77
CA GLU A 74 15.44 11.14 -23.59
C GLU A 74 16.08 10.50 -24.81
N THR A 75 15.90 9.19 -25.04
CA THR A 75 16.63 8.53 -26.13
C THR A 75 16.24 9.08 -27.50
N ASP A 76 14.99 8.86 -27.92
CA ASP A 76 14.60 9.01 -29.32
C ASP A 76 13.53 10.07 -29.55
N HIS A 77 12.55 10.18 -28.67
CA HIS A 77 11.43 11.08 -28.90
C HIS A 77 11.89 12.53 -28.99
N HIS A 78 12.76 12.94 -28.08
CA HIS A 78 13.34 14.27 -28.09
C HIS A 78 14.71 14.22 -27.43
N GLY A 79 15.33 15.38 -27.28
CA GLY A 79 16.62 15.48 -26.64
C GLY A 79 17.76 15.28 -27.61
N ALA A 80 18.94 15.75 -27.20
CA ALA A 80 20.10 15.67 -28.07
C ALA A 80 20.53 14.23 -28.30
N LEU A 81 20.17 13.34 -27.38
CA LEU A 81 20.57 11.94 -27.51
C LEU A 81 19.80 11.27 -28.64
N PHE A 82 20.45 10.32 -29.31
CA PHE A 82 19.85 9.50 -30.35
C PHE A 82 20.64 8.21 -30.46
N SER A 83 19.93 7.08 -30.43
CA SER A 83 20.61 5.79 -30.50
C SER A 83 21.34 5.62 -31.83
N ASN A 84 20.65 5.83 -32.94
CA ASN A 84 21.22 5.75 -34.26
C ASN A 84 21.58 7.16 -34.73
N PRO A 85 22.78 7.39 -35.27
CA PRO A 85 23.10 8.75 -35.73
C PRO A 85 22.37 9.13 -37.00
N SER A 86 21.95 8.14 -37.80
CA SER A 86 21.21 8.45 -39.02
C SER A 86 19.88 9.11 -38.69
N ASP A 87 19.28 8.75 -37.57
CA ASP A 87 18.07 9.45 -37.12
C ASP A 87 18.40 10.87 -36.68
N LEU A 88 19.62 11.10 -36.22
CA LEU A 88 20.02 12.43 -35.80
C LEU A 88 20.46 13.28 -36.98
N TRP A 89 21.19 12.68 -37.92
CA TRP A 89 21.65 13.42 -39.09
C TRP A 89 20.49 13.91 -39.93
N GLU A 90 20.36 15.24 -40.03
CA GLU A 90 19.26 15.88 -40.75
C GLU A 90 17.90 15.39 -40.26
N SER A 247 -13.14 -17.75 -34.50
CA SER A 247 -11.71 -17.60 -34.30
C SER A 247 -11.27 -18.22 -32.97
N SER A 248 -9.96 -18.36 -32.80
CA SER A 248 -9.38 -18.93 -31.60
C SER A 248 -9.12 -17.83 -30.57
N PRO A 249 -9.10 -18.15 -29.27
CA PRO A 249 -9.01 -17.10 -28.26
C PRO A 249 -7.62 -16.53 -28.10
N ARG A 250 -7.53 -15.54 -27.21
CA ARG A 250 -6.28 -15.03 -26.69
C ARG A 250 -6.59 -14.47 -25.30
N LYS A 251 -5.54 -14.22 -24.52
CA LYS A 251 -5.75 -13.83 -23.13
C LYS A 251 -6.51 -12.53 -22.98
N GLU A 252 -6.47 -11.66 -23.99
CA GLU A 252 -7.07 -10.34 -23.86
C GLU A 252 -8.59 -10.41 -23.81
N TYR A 253 -9.17 -11.47 -24.35
CA TYR A 253 -10.60 -11.65 -24.18
C TYR A 253 -10.94 -11.89 -22.71
N SER A 254 -12.19 -11.59 -22.36
CA SER A 254 -12.66 -11.75 -20.99
C SER A 254 -13.06 -13.20 -20.77
N HIS A 255 -12.67 -13.76 -19.62
CA HIS A 255 -12.80 -15.19 -19.37
C HIS A 255 -13.23 -15.48 -17.95
N PHE A 256 -14.17 -16.41 -17.80
CA PHE A 256 -14.67 -16.86 -16.50
C PHE A 256 -14.15 -18.26 -16.21
N VAL A 257 -13.74 -18.48 -14.96
CA VAL A 257 -13.20 -19.75 -14.50
C VAL A 257 -14.24 -20.39 -13.60
N VAL A 258 -14.54 -21.66 -13.90
CA VAL A 258 -15.73 -22.36 -13.43
C VAL A 258 -15.31 -23.64 -12.71
N GLN A 259 -16.04 -24.00 -11.65
CA GLN A 259 -15.86 -25.25 -10.94
C GLN A 259 -17.23 -25.81 -10.55
N ARG A 260 -17.25 -27.10 -10.22
CA ARG A 260 -18.50 -27.77 -9.87
C ARG A 260 -18.66 -27.83 -8.36
N ILE A 261 -19.71 -27.17 -7.86
CA ILE A 261 -20.12 -27.30 -6.47
C ILE A 261 -21.63 -27.14 -6.38
N ASN A 264 -22.95 -30.81 -5.48
CA ASN A 264 -23.51 -32.00 -4.84
C ASN A 264 -22.53 -33.16 -4.93
N ALA A 265 -22.41 -33.76 -6.11
CA ALA A 265 -21.52 -34.91 -6.29
C ALA A 265 -20.07 -34.47 -6.23
N THR A 266 -19.74 -33.33 -6.85
CA THR A 266 -18.41 -32.74 -6.88
C THR A 266 -17.43 -33.62 -7.65
N ASP A 267 -17.92 -34.41 -8.61
CA ASP A 267 -17.06 -35.22 -9.46
C ASP A 267 -16.51 -34.35 -10.59
N SER A 268 -15.95 -35.01 -11.60
CA SER A 268 -15.35 -34.31 -12.74
C SER A 268 -16.36 -33.40 -13.44
N LEU A 269 -15.86 -32.29 -13.97
CA LEU A 269 -16.71 -31.37 -14.73
C LEU A 269 -17.09 -31.96 -16.08
N PHE A 270 -16.27 -32.84 -16.62
CA PHE A 270 -16.27 -33.16 -18.04
C PHE A 270 -17.56 -33.81 -18.53
N ASP A 271 -18.21 -34.60 -17.70
CA ASP A 271 -19.31 -35.41 -18.16
C ASP A 271 -20.53 -34.54 -18.47
N LEU A 272 -21.62 -35.19 -18.89
CA LEU A 272 -22.78 -34.52 -19.46
C LEU A 272 -23.34 -33.42 -18.56
N ASN A 273 -23.44 -33.70 -17.26
CA ASN A 273 -24.14 -32.78 -16.38
C ASN A 273 -23.41 -31.45 -16.27
N GLY A 274 -22.08 -31.50 -16.17
CA GLY A 274 -21.31 -30.27 -16.16
C GLY A 274 -21.48 -29.48 -17.44
N LEU A 275 -21.60 -30.17 -18.57
CA LEU A 275 -21.73 -29.48 -19.85
C LEU A 275 -23.10 -28.81 -19.97
N LEU A 276 -24.16 -29.47 -19.51
CA LEU A 276 -25.46 -28.81 -19.52
C LEU A 276 -25.49 -27.66 -18.54
N ALA A 277 -24.76 -27.79 -17.43
CA ALA A 277 -24.65 -26.67 -16.50
C ALA A 277 -23.92 -25.50 -17.14
N MET A 278 -22.91 -25.78 -17.96
CA MET A 278 -22.19 -24.71 -18.62
C MET A 278 -23.01 -24.11 -19.78
N CYS A 279 -23.85 -24.92 -20.42
CA CYS A 279 -24.86 -24.38 -21.33
C CYS A 279 -25.74 -23.37 -20.63
N GLN A 280 -26.23 -23.73 -19.44
CA GLN A 280 -27.07 -22.81 -18.70
C GLN A 280 -26.29 -21.57 -18.30
N LEU A 281 -25.02 -21.73 -17.94
CA LEU A 281 -24.18 -20.59 -17.60
C LEU A 281 -24.04 -19.63 -18.78
N GLN A 282 -23.74 -20.16 -19.95
CA GLN A 282 -23.60 -19.32 -21.14
C GLN A 282 -24.91 -18.62 -21.47
N ASP A 283 -26.02 -19.34 -21.41
CA ASP A 283 -27.31 -18.73 -21.70
C ASP A 283 -27.67 -17.67 -20.67
N GLN A 284 -27.15 -17.81 -19.44
CA GLN A 284 -27.39 -16.80 -18.41
C GLN A 284 -26.54 -15.57 -18.66
N ILE A 285 -25.28 -15.77 -19.05
CA ILE A 285 -24.38 -14.65 -19.30
C ILE A 285 -24.84 -13.85 -20.51
N THR A 286 -25.13 -14.53 -21.62
CA THR A 286 -25.47 -13.83 -22.85
C THR A 286 -26.86 -13.22 -22.82
N GLU A 287 -27.72 -13.63 -21.88
CA GLU A 287 -29.04 -13.01 -21.74
C GLU A 287 -28.97 -11.63 -21.11
N VAL A 288 -27.84 -11.27 -20.51
CA VAL A 288 -27.71 -9.94 -19.90
C VAL A 288 -27.84 -8.88 -20.99
N PRO A 289 -28.58 -7.77 -20.77
CA PRO A 289 -28.80 -6.82 -21.87
C PRO A 289 -27.54 -6.14 -22.39
N SER A 290 -26.75 -5.59 -21.46
CA SER A 290 -25.57 -4.81 -21.84
C SER A 290 -24.58 -5.64 -22.64
N TYR A 291 -24.59 -6.97 -22.45
CA TYR A 291 -23.71 -7.84 -23.23
C TYR A 291 -23.93 -7.69 -24.72
N ARG A 292 -25.18 -7.42 -25.13
CA ARG A 292 -25.47 -7.23 -26.55
C ARG A 292 -24.69 -6.04 -27.12
N ALA A 293 -24.40 -5.04 -26.29
CA ALA A 293 -23.64 -3.88 -26.76
C ALA A 293 -22.15 -4.18 -26.77
N PHE A 294 -21.67 -4.92 -25.78
CA PHE A 294 -20.25 -5.23 -25.64
C PHE A 294 -19.85 -6.48 -26.43
N CYS A 295 -20.78 -7.14 -27.11
CA CYS A 295 -20.58 -8.46 -27.69
C CYS A 295 -19.45 -8.53 -28.71
N GLU A 296 -18.97 -7.41 -29.21
CA GLU A 296 -17.96 -7.37 -30.26
C GLU A 296 -18.43 -8.17 -31.49
N PRO A 297 -19.57 -7.82 -32.07
CA PRO A 297 -20.08 -8.59 -33.21
C PRO A 297 -19.15 -8.48 -34.41
N GLU A 298 -18.97 -9.60 -35.10
CA GLU A 298 -18.11 -9.70 -36.26
C GLU A 298 -18.89 -10.42 -37.35
N MET A 299 -18.39 -10.31 -38.58
CA MET A 299 -18.96 -10.87 -39.81
C MET A 299 -20.09 -10.02 -40.38
N LEU A 300 -20.54 -8.99 -39.64
CA LEU A 300 -21.62 -8.09 -40.07
C LEU A 300 -22.85 -8.88 -40.55
N THR A 301 -23.13 -9.98 -39.87
CA THR A 301 -24.27 -10.85 -40.18
C THR A 301 -25.41 -10.69 -39.19
N THR A 302 -25.42 -9.59 -38.41
CA THR A 302 -26.47 -9.34 -37.42
C THR A 302 -26.49 -10.44 -36.37
N GLU A 303 -25.31 -10.93 -36.01
CA GLU A 303 -25.15 -12.01 -35.03
C GLU A 303 -24.23 -11.56 -33.92
N CYS A 304 -24.66 -11.80 -32.69
CA CYS A 304 -23.78 -11.69 -31.53
C CYS A 304 -23.06 -13.04 -31.37
N CYS A 305 -21.75 -13.03 -31.61
CA CYS A 305 -21.01 -14.27 -31.76
C CYS A 305 -21.03 -15.06 -30.46
N ARG A 306 -21.10 -16.38 -30.59
CA ARG A 306 -21.31 -17.24 -29.42
C ARG A 306 -20.00 -17.41 -28.66
N PRO A 307 -20.05 -17.66 -27.35
CA PRO A 307 -18.82 -17.94 -26.61
C PRO A 307 -18.34 -19.36 -26.87
N TRP A 308 -17.04 -19.50 -27.11
CA TRP A 308 -16.47 -20.81 -27.41
C TRP A 308 -15.86 -21.39 -26.15
N SER A 309 -16.36 -22.56 -25.75
CA SER A 309 -15.97 -23.24 -24.53
C SER A 309 -16.10 -24.74 -24.76
N LEU A 310 -16.15 -25.51 -23.68
CA LEU A 310 -16.23 -26.97 -23.80
C LEU A 310 -17.48 -27.44 -24.52
N PRO A 311 -18.71 -27.15 -24.04
CA PRO A 311 -19.89 -27.72 -24.69
C PRO A 311 -20.08 -27.22 -26.12
N ASN A 312 -19.70 -25.98 -26.37
CA ASN A 312 -19.75 -25.44 -27.71
C ASN A 312 -18.87 -26.25 -28.66
N TYR A 313 -17.66 -26.59 -28.22
CA TYR A 313 -16.78 -27.39 -29.07
C TYR A 313 -17.29 -28.82 -29.20
N ALA A 314 -17.90 -29.35 -28.12
CA ALA A 314 -18.49 -30.68 -28.20
C ALA A 314 -19.59 -30.72 -29.25
N ALA A 315 -20.39 -29.66 -29.34
CA ALA A 315 -21.40 -29.58 -30.39
C ALA A 315 -20.76 -29.30 -31.74
N MET A 316 -19.60 -28.64 -31.74
CA MET A 316 -18.93 -28.29 -32.99
C MET A 316 -18.39 -29.52 -33.68
N LEU A 317 -17.82 -30.45 -32.91
CA LEU A 317 -17.39 -31.72 -33.49
C LEU A 317 -18.57 -32.48 -34.07
N ALA A 318 -19.72 -32.42 -33.40
CA ALA A 318 -20.96 -32.86 -34.00
C ALA A 318 -21.44 -31.83 -35.01
N ASN A 319 -22.49 -32.18 -35.75
CA ASN A 319 -23.05 -31.24 -36.72
C ASN A 319 -24.11 -30.34 -36.08
N LYS A 320 -24.61 -30.72 -34.90
CA LYS A 320 -25.70 -29.98 -34.27
C LYS A 320 -25.16 -28.88 -33.36
N SER A 321 -26.06 -28.02 -32.90
CA SER A 321 -25.69 -26.91 -32.03
C SER A 321 -25.62 -27.38 -30.57
N SER A 322 -25.51 -26.41 -29.66
CA SER A 322 -25.23 -26.73 -28.27
C SER A 322 -26.51 -27.06 -27.49
N CYS A 323 -26.31 -27.67 -26.32
CA CYS A 323 -27.34 -28.03 -25.33
C CYS A 323 -28.24 -29.18 -25.83
N PHE A 324 -27.92 -29.80 -26.97
CA PHE A 324 -28.60 -30.99 -27.48
C PHE A 324 -27.60 -32.12 -27.63
N ASP A 325 -26.73 -32.27 -26.62
CA ASP A 325 -25.46 -32.95 -26.83
C ASP A 325 -25.64 -34.44 -27.13
N LEU A 326 -26.50 -35.13 -26.36
CA LEU A 326 -26.55 -36.59 -26.38
C LEU A 326 -25.16 -37.14 -26.05
N THR A 327 -24.74 -36.93 -24.80
CA THR A 327 -23.33 -36.80 -24.49
C THR A 327 -22.63 -38.14 -24.37
N THR A 328 -23.30 -39.15 -23.79
CA THR A 328 -22.59 -40.36 -23.38
C THR A 328 -22.00 -41.10 -24.58
N GLU A 329 -22.50 -40.82 -25.78
CA GLU A 329 -21.87 -41.24 -27.04
C GLU A 329 -21.09 -40.11 -27.69
N ASP A 330 -21.52 -38.86 -27.48
CA ASP A 330 -20.88 -37.72 -28.12
C ASP A 330 -19.72 -37.20 -27.28
N VAL A 331 -19.96 -36.89 -26.02
CA VAL A 331 -18.91 -36.39 -25.15
C VAL A 331 -17.80 -37.43 -25.00
N THR A 332 -18.16 -38.71 -24.99
CA THR A 332 -17.14 -39.75 -24.92
C THR A 332 -16.33 -39.82 -26.21
N SER A 333 -16.94 -39.45 -27.34
CA SER A 333 -16.17 -39.36 -28.58
C SER A 333 -15.20 -38.19 -28.51
N LEU A 334 -15.66 -37.05 -27.99
CA LEU A 334 -14.75 -35.91 -27.75
C LEU A 334 -13.62 -36.32 -26.82
N HIS A 335 -13.92 -37.18 -25.85
CA HIS A 335 -12.89 -37.67 -24.94
C HIS A 335 -11.88 -38.55 -25.68
N THR A 336 -12.36 -39.48 -26.50
CA THR A 336 -11.47 -40.34 -27.25
C THR A 336 -10.59 -39.52 -28.19
N LEU A 337 -11.13 -38.44 -28.74
CA LEU A 337 -10.34 -37.55 -29.58
C LEU A 337 -9.14 -37.01 -28.82
N LEU A 338 -9.38 -36.41 -27.64
CA LEU A 338 -8.29 -35.80 -26.88
C LEU A 338 -7.27 -36.83 -26.44
N LEU A 339 -7.72 -38.00 -25.99
CA LEU A 339 -6.77 -39.04 -25.59
C LEU A 339 -6.00 -39.58 -26.78
N GLY A 340 -6.56 -39.44 -27.99
CA GLY A 340 -5.83 -39.86 -29.17
C GLY A 340 -4.59 -39.02 -29.44
N CYS A 341 -4.74 -37.71 -29.35
CA CYS A 341 -3.70 -36.76 -29.77
C CYS A 341 -3.11 -36.07 -28.55
N TYR A 342 -1.99 -35.37 -28.76
CA TYR A 342 -1.39 -34.53 -27.73
C TYR A 342 -0.38 -33.60 -28.37
N GLU A 343 0.02 -32.59 -27.60
CA GLU A 343 1.04 -31.63 -28.02
C GLU A 343 2.41 -32.02 -27.50
N LYS A 367 -4.33 -35.03 -37.14
CA LYS A 367 -5.70 -34.61 -36.88
C LYS A 367 -5.72 -33.34 -36.05
N ARG A 368 -5.92 -32.21 -36.72
CA ARG A 368 -6.01 -30.90 -36.08
C ARG A 368 -7.18 -30.11 -36.65
N LEU A 369 -8.37 -30.70 -36.64
CA LEU A 369 -9.57 -29.96 -37.04
C LEU A 369 -9.71 -28.71 -36.17
N ASN A 370 -10.57 -27.79 -36.59
CA ASN A 370 -10.18 -26.41 -36.94
C ASN A 370 -9.02 -25.98 -36.06
N ILE A 371 -9.22 -25.68 -34.78
CA ILE A 371 -8.12 -25.50 -33.82
C ILE A 371 -8.53 -26.19 -32.54
N VAL A 372 -9.39 -27.22 -32.66
CA VAL A 372 -10.16 -27.73 -31.52
C VAL A 372 -9.24 -28.24 -30.41
N PHE A 373 -8.26 -29.07 -30.77
CA PHE A 373 -7.40 -29.67 -29.76
C PHE A 373 -6.59 -28.62 -29.01
N ASN A 374 -5.90 -27.76 -29.75
CA ASN A 374 -5.04 -26.75 -29.13
C ASN A 374 -5.86 -25.79 -28.29
N VAL A 375 -7.03 -25.38 -28.80
CA VAL A 375 -7.86 -24.44 -28.07
C VAL A 375 -8.39 -25.07 -26.79
N LEU A 376 -8.92 -26.29 -26.90
CA LEU A 376 -9.57 -26.92 -25.76
C LEU A 376 -8.56 -27.31 -24.70
N ASN A 377 -7.32 -27.59 -25.11
CA ASN A 377 -6.28 -27.86 -24.13
C ASN A 377 -5.76 -26.59 -23.49
N PHE A 378 -6.07 -25.42 -24.06
CA PHE A 378 -5.81 -24.15 -23.40
C PHE A 378 -6.96 -23.72 -22.49
N LEU A 379 -8.19 -24.11 -22.84
CA LEU A 379 -9.32 -23.86 -21.94
C LEU A 379 -9.11 -24.57 -20.60
N THR A 380 -9.03 -25.90 -20.64
CA THR A 380 -9.02 -26.71 -19.43
C THR A 380 -7.67 -26.59 -18.73
N ASP A 381 -7.56 -27.19 -17.56
CA ASP A 381 -6.40 -27.02 -16.69
C ASP A 381 -5.30 -28.02 -17.06
N PHE A 382 -4.18 -27.95 -16.33
CA PHE A 382 -3.16 -28.99 -16.43
C PHE A 382 -3.76 -30.36 -16.16
N SER A 383 -4.47 -30.50 -15.05
CA SER A 383 -4.93 -31.79 -14.55
C SER A 383 -6.24 -32.20 -15.23
N PHE A 384 -6.18 -32.30 -16.55
CA PHE A 384 -7.25 -32.88 -17.36
C PHE A 384 -6.93 -34.30 -17.82
N ILE A 385 -5.71 -34.78 -17.56
CA ILE A 385 -5.29 -36.10 -18.01
C ILE A 385 -4.40 -36.78 -16.96
N VAL A 392 -8.69 -36.79 -17.32
CA VAL A 392 -10.00 -36.83 -16.69
C VAL A 392 -9.92 -36.07 -15.36
N TYR A 393 -11.07 -35.60 -14.89
CA TYR A 393 -11.17 -34.78 -13.69
C TYR A 393 -10.42 -33.46 -13.86
N LEU A 394 -10.88 -32.67 -14.81
CA LEU A 394 -10.50 -31.26 -14.84
C LEU A 394 -11.10 -30.57 -13.62
N LYS A 395 -10.21 -30.03 -12.77
CA LYS A 395 -10.68 -29.34 -11.57
C LYS A 395 -11.46 -28.10 -11.94
N TYR A 396 -11.07 -27.43 -13.02
CA TYR A 396 -11.64 -26.15 -13.42
C TYR A 396 -11.82 -26.12 -14.92
N ALA A 397 -12.91 -25.51 -15.38
CA ALA A 397 -13.13 -25.20 -16.78
C ALA A 397 -13.08 -23.69 -16.95
N MET A 398 -13.14 -23.24 -18.20
CA MET A 398 -13.08 -21.82 -18.50
C MET A 398 -13.98 -21.49 -19.69
N ILE A 399 -14.64 -20.34 -19.60
CA ILE A 399 -15.58 -19.85 -20.60
C ILE A 399 -15.00 -18.57 -21.17
N PHE A 400 -14.96 -18.48 -22.50
CA PHE A 400 -14.50 -17.29 -23.21
C PHE A 400 -15.68 -16.65 -23.92
N ILE A 401 -15.89 -15.37 -23.67
CA ILE A 401 -16.93 -14.58 -24.34
C ILE A 401 -16.22 -13.66 -25.33
N PRO A 402 -16.86 -13.28 -26.45
CA PRO A 402 -16.15 -12.41 -27.41
C PRO A 402 -16.17 -10.95 -26.97
N VAL A 403 -15.40 -10.66 -25.92
CA VAL A 403 -15.33 -9.31 -25.37
C VAL A 403 -13.90 -9.03 -24.92
N ALA A 404 -13.34 -7.93 -25.42
CA ALA A 404 -11.98 -7.59 -25.06
C ALA A 404 -11.92 -7.04 -23.64
N GLN A 405 -10.77 -7.23 -23.00
CA GLN A 405 -10.58 -6.70 -21.66
C GLN A 405 -10.36 -5.19 -21.72
N SER A 406 -11.24 -4.46 -21.05
CA SER A 406 -11.25 -3.01 -21.12
C SER A 406 -11.62 -2.44 -19.76
N ASN A 407 -11.50 -1.12 -19.63
CA ASN A 407 -11.95 -0.43 -18.43
C ASN A 407 -13.41 -0.01 -18.54
N ARG A 408 -14.08 -0.38 -19.63
CA ARG A 408 -15.41 0.17 -19.90
C ARG A 408 -16.52 -0.75 -19.40
N LEU A 409 -16.25 -2.05 -19.33
CA LEU A 409 -17.30 -3.03 -19.05
C LEU A 409 -17.45 -3.31 -17.56
N LEU A 410 -17.63 -2.26 -16.79
CA LEU A 410 -17.94 -2.34 -15.37
C LEU A 410 -19.42 -2.62 -15.10
N PRO A 411 -20.36 -1.97 -15.79
CA PRO A 411 -21.76 -2.35 -15.57
C PRO A 411 -22.05 -3.79 -15.95
N LEU A 412 -21.31 -4.34 -16.91
CA LEU A 412 -21.40 -5.77 -17.20
C LEU A 412 -20.99 -6.56 -15.97
N PHE A 413 -19.90 -6.15 -15.31
CA PHE A 413 -19.45 -6.85 -14.12
C PHE A 413 -20.52 -6.81 -13.03
N HIS A 414 -21.18 -5.67 -12.86
CA HIS A 414 -22.17 -5.58 -11.80
C HIS A 414 -23.43 -6.38 -12.15
N GLU A 415 -23.81 -6.37 -13.43
CA GLU A 415 -24.92 -7.20 -13.87
C GLU A 415 -24.63 -8.67 -13.66
N TRP A 416 -23.37 -9.07 -13.82
CA TRP A 416 -23.00 -10.45 -13.55
C TRP A 416 -22.93 -10.72 -12.06
N GLU A 417 -22.62 -9.71 -11.26
CA GLU A 417 -22.65 -9.88 -9.81
C GLU A 417 -24.08 -10.05 -9.31
N ASP A 418 -25.05 -9.46 -10.01
CA ASP A 418 -26.44 -9.63 -9.62
C ASP A 418 -26.87 -11.10 -9.73
N VAL A 419 -26.70 -11.70 -10.90
CA VAL A 419 -26.97 -13.12 -11.12
C VAL A 419 -25.67 -13.89 -10.93
N GLU A 420 -25.52 -14.55 -9.79
CA GLU A 420 -24.20 -14.99 -9.36
C GLU A 420 -23.78 -16.32 -10.00
N LEU A 421 -24.59 -16.85 -10.93
CA LEU A 421 -24.21 -17.94 -11.84
C LEU A 421 -24.04 -19.27 -11.11
N ILE A 422 -24.60 -19.44 -9.91
CA ILE A 422 -24.28 -20.60 -9.08
C ILE A 422 -25.35 -21.68 -9.23
N ASN A 423 -26.07 -21.67 -10.36
CA ASN A 423 -27.47 -22.15 -10.51
C ASN A 423 -27.74 -23.44 -9.76
N GLU A 424 -27.19 -24.60 -10.18
CA GLU A 424 -27.37 -25.86 -9.46
C GLU A 424 -26.05 -26.56 -9.17
N LEU A 425 -25.22 -26.75 -10.18
CA LEU A 425 -24.07 -27.65 -10.12
C LEU A 425 -22.73 -26.92 -10.27
N VAL A 426 -22.71 -25.78 -10.96
CA VAL A 426 -21.47 -25.12 -11.37
C VAL A 426 -21.41 -23.77 -10.68
N GLU A 427 -20.20 -23.24 -10.54
CA GLU A 427 -19.92 -21.99 -9.84
C GLU A 427 -18.86 -21.24 -10.63
N VAL A 428 -19.19 -20.02 -11.04
CA VAL A 428 -18.23 -19.11 -11.66
C VAL A 428 -17.40 -18.51 -10.53
N VAL A 429 -16.13 -18.88 -10.47
CA VAL A 429 -15.30 -18.60 -9.29
C VAL A 429 -14.16 -17.67 -9.62
N ALA A 430 -13.91 -17.38 -10.91
CA ALA A 430 -12.86 -16.38 -11.16
C ALA A 430 -13.07 -15.75 -12.55
N MET A 431 -13.60 -14.54 -12.55
CA MET A 431 -13.95 -13.83 -13.78
C MET A 431 -12.90 -12.75 -14.00
N ASP A 432 -11.97 -13.00 -14.91
CA ASP A 432 -10.91 -12.06 -15.20
C ASP A 432 -11.38 -11.03 -16.22
N LEU A 433 -11.23 -9.76 -15.86
CA LEU A 433 -11.50 -8.65 -16.75
C LEU A 433 -10.45 -7.59 -16.47
N GLY A 434 -10.16 -6.75 -17.46
CA GLY A 434 -9.23 -5.66 -17.25
C GLY A 434 -9.88 -4.54 -16.45
N LEU A 435 -10.27 -4.86 -15.21
CA LEU A 435 -11.25 -4.09 -14.46
C LEU A 435 -10.89 -4.00 -12.98
N GLU A 436 -9.62 -4.24 -12.64
CA GLU A 436 -9.22 -4.24 -11.23
C GLU A 436 -9.23 -2.84 -10.65
N ASN A 437 -8.60 -1.90 -11.35
CA ASN A 437 -8.41 -0.57 -10.80
C ASN A 437 -9.71 0.23 -10.80
N GLU A 438 -10.51 0.08 -11.84
CA GLU A 438 -11.80 0.78 -11.89
C GLU A 438 -12.70 0.32 -10.75
N LEU A 439 -12.83 -0.99 -10.58
CA LEU A 439 -13.64 -1.50 -9.47
C LEU A 439 -13.05 -1.12 -8.13
N PHE A 440 -11.73 -1.09 -8.01
CA PHE A 440 -11.08 -0.62 -6.80
C PHE A 440 -11.55 0.78 -6.45
N ASN A 441 -11.50 1.69 -7.42
CA ASN A 441 -11.93 3.07 -7.19
C ASN A 441 -13.41 3.12 -6.79
N GLU A 442 -14.26 2.46 -7.57
CA GLU A 442 -15.70 2.51 -7.31
C GLU A 442 -16.03 1.96 -5.92
N LEU A 443 -15.31 0.91 -5.51
CA LEU A 443 -15.59 0.31 -4.21
C LEU A 443 -15.08 1.19 -3.09
N LEU A 444 -13.95 1.89 -3.30
CA LEU A 444 -13.54 2.92 -2.35
C LEU A 444 -14.64 3.95 -2.14
N LEU A 445 -15.21 4.42 -3.25
CA LEU A 445 -16.16 5.52 -3.18
C LEU A 445 -17.48 5.07 -2.56
N THR A 446 -17.81 3.78 -2.65
CA THR A 446 -18.98 3.26 -1.94
C THR A 446 -18.65 2.98 -0.47
N ASP A 447 -17.44 2.52 -0.19
CA ASP A 447 -17.12 2.15 1.17
C ASP A 447 -16.90 3.37 2.06
N VAL A 448 -16.72 4.55 1.47
CA VAL A 448 -16.72 5.76 2.31
C VAL A 448 -18.14 6.09 2.75
N TRP A 449 -19.14 5.88 1.88
CA TRP A 449 -20.52 5.93 2.35
C TRP A 449 -20.71 4.93 3.48
N LEU A 450 -20.06 3.77 3.39
CA LEU A 450 -20.12 2.82 4.50
C LEU A 450 -19.41 3.35 5.75
N VAL A 451 -18.36 4.17 5.58
CA VAL A 451 -17.71 4.82 6.72
C VAL A 451 -18.71 5.73 7.44
N SER A 452 -19.64 6.30 6.68
CA SER A 452 -20.68 7.15 7.28
C SER A 452 -21.44 6.41 8.36
N LEU A 453 -21.61 5.10 8.24
CA LEU A 453 -22.29 4.32 9.26
C LEU A 453 -21.51 4.30 10.58
N GLY A 454 -20.20 4.09 10.50
CA GLY A 454 -19.39 4.16 11.70
C GLY A 454 -19.41 5.55 12.32
N GLY A 455 -19.42 6.58 11.48
CA GLY A 455 -19.60 7.92 12.00
C GLY A 455 -20.91 8.10 12.74
N THR A 456 -21.98 7.55 12.19
CA THR A 456 -23.29 7.61 12.85
C THR A 456 -23.26 6.90 14.20
N PHE A 457 -22.58 5.76 14.26
CA PHE A 457 -22.51 5.04 15.53
C PHE A 457 -21.70 5.80 16.56
N VAL A 458 -20.61 6.44 16.14
CA VAL A 458 -19.81 7.24 17.08
C VAL A 458 -20.65 8.42 17.57
N MET A 459 -21.47 9.00 16.71
CA MET A 459 -22.33 10.10 17.15
C MET A 459 -23.37 9.62 18.14
N ALA A 460 -23.95 8.44 17.89
CA ALA A 460 -24.84 7.83 18.87
C ALA A 460 -24.16 7.64 20.21
N SER A 461 -22.89 7.23 20.18
CA SER A 461 -22.16 7.03 21.43
C SER A 461 -21.96 8.35 22.17
N VAL A 462 -21.61 9.41 21.43
CA VAL A 462 -21.44 10.71 22.06
C VAL A 462 -22.76 11.19 22.65
N TRP A 463 -23.86 10.93 21.94
CA TRP A 463 -25.17 11.34 22.44
C TRP A 463 -25.53 10.61 23.73
N LEU A 464 -25.25 9.30 23.77
CA LEU A 464 -25.57 8.53 24.96
C LEU A 464 -24.70 8.95 26.14
N TYR A 465 -23.42 9.19 25.89
CA TYR A 465 -22.51 9.57 26.98
C TYR A 465 -22.84 10.96 27.51
N THR A 466 -22.86 11.95 26.62
CA THR A 466 -23.05 13.33 27.06
C THR A 466 -24.49 13.57 27.49
N GLY A 467 -25.44 13.23 26.64
CA GLY A 467 -26.84 13.45 26.89
C GLY A 467 -27.45 14.62 26.16
N SER A 468 -26.79 15.14 25.13
CA SER A 468 -27.32 16.20 24.31
C SER A 468 -27.01 15.93 22.84
N ALA A 469 -27.77 16.58 21.97
CA ALA A 469 -27.59 16.46 20.53
C ALA A 469 -26.64 17.52 19.98
N PHE A 470 -26.55 18.65 20.66
CA PHE A 470 -25.72 19.75 20.21
C PHE A 470 -24.25 19.35 20.16
N ILE A 471 -23.76 18.66 21.18
CA ILE A 471 -22.34 18.37 21.26
C ILE A 471 -21.95 17.33 20.21
N THR A 472 -22.79 16.32 20.01
CA THR A 472 -22.51 15.34 18.97
C THR A 472 -22.57 15.97 17.58
N LEU A 473 -23.53 16.88 17.38
CA LEU A 473 -23.60 17.60 16.11
C LEU A 473 -22.33 18.40 15.87
N MET A 474 -21.88 19.13 16.88
CA MET A 474 -20.72 19.99 16.72
C MET A 474 -19.42 19.18 16.67
N SER A 475 -19.44 17.96 17.21
CA SER A 475 -18.26 17.10 17.10
C SER A 475 -18.16 16.48 15.71
N CYS A 476 -19.31 16.11 15.12
CA CYS A 476 -19.31 15.74 13.71
C CYS A 476 -18.78 16.89 12.86
N VAL A 477 -19.24 18.10 13.14
CA VAL A 477 -18.76 19.28 12.41
C VAL A 477 -17.26 19.45 12.63
N ALA A 478 -16.77 19.16 13.82
CA ALA A 478 -15.35 19.32 14.11
C ALA A 478 -14.51 18.30 13.35
N ILE A 479 -14.98 17.06 13.28
CA ILE A 479 -14.30 16.04 12.50
C ILE A 479 -14.24 16.45 11.03
N CYS A 480 -15.37 16.91 10.48
CA CYS A 480 -15.40 17.32 9.09
C CYS A 480 -14.48 18.52 8.84
N PHE A 481 -14.47 19.49 9.75
CA PHE A 481 -13.63 20.67 9.57
C PHE A 481 -12.15 20.33 9.73
N SER A 482 -11.83 19.36 10.57
CA SER A 482 -10.45 18.92 10.67
C SER A 482 -9.99 18.26 9.38
N LEU A 483 -10.81 17.37 8.83
CA LEU A 483 -10.52 16.82 7.51
C LEU A 483 -10.33 17.91 6.47
N GLY A 484 -11.22 18.91 6.48
CA GLY A 484 -11.13 19.98 5.49
C GLY A 484 -9.87 20.82 5.62
N LEU A 485 -9.58 21.28 6.84
CA LEU A 485 -8.35 22.05 7.08
C LEU A 485 -7.12 21.24 6.71
N ALA A 486 -7.14 19.94 6.98
CA ALA A 486 -5.98 19.12 6.65
C ALA A 486 -5.81 18.99 5.14
N TYR A 487 -6.92 18.80 4.41
CA TYR A 487 -6.83 18.73 2.96
C TYR A 487 -6.39 20.07 2.38
N PHE A 488 -6.79 21.17 3.01
CA PHE A 488 -6.37 22.49 2.55
C PHE A 488 -4.88 22.69 2.76
N PHE A 489 -4.39 22.43 3.97
CA PHE A 489 -2.97 22.58 4.24
C PHE A 489 -2.14 21.62 3.40
N TYR A 490 -2.70 20.45 3.08
CA TYR A 490 -1.98 19.46 2.30
C TYR A 490 -1.88 19.87 0.85
N ALA A 491 -3.02 20.17 0.22
CA ALA A 491 -3.04 20.45 -1.21
C ALA A 491 -2.58 21.87 -1.51
N ILE A 492 -3.28 22.87 -0.99
CA ILE A 492 -3.07 24.26 -1.37
C ILE A 492 -1.80 24.85 -0.75
N VAL A 493 -1.64 24.77 0.57
CA VAL A 493 -0.49 25.41 1.21
C VAL A 493 0.79 24.65 0.88
N LEU A 494 0.85 23.39 1.30
CA LEU A 494 2.11 22.63 1.19
C LEU A 494 2.39 22.19 -0.25
N GLU A 495 1.43 22.35 -1.16
CA GLU A 495 1.56 22.07 -2.58
C GLU A 495 1.82 20.60 -2.86
N PHE A 496 1.46 19.70 -1.95
CA PHE A 496 1.55 18.27 -2.25
C PHE A 496 0.62 17.94 -3.40
N GLU A 497 1.22 17.54 -4.53
CA GLU A 497 0.49 17.32 -5.76
C GLU A 497 -0.09 15.92 -5.88
N PHE A 498 0.37 14.97 -5.07
CA PHE A 498 -0.05 13.57 -5.13
C PHE A 498 -0.86 13.24 -3.88
N PHE A 499 -2.08 12.75 -4.10
CA PHE A 499 -2.97 12.32 -3.03
C PHE A 499 -3.20 10.82 -3.16
N PRO A 500 -2.54 9.96 -2.39
CA PRO A 500 -2.80 8.52 -2.51
C PRO A 500 -4.22 8.16 -2.09
N TYR A 501 -4.58 6.91 -2.38
CA TYR A 501 -5.80 6.37 -1.81
C TYR A 501 -5.65 6.10 -0.32
N MET A 502 -4.41 5.82 0.13
CA MET A 502 -4.18 5.51 1.53
C MET A 502 -4.54 6.68 2.44
N ASN A 503 -4.54 7.90 1.90
CA ASN A 503 -4.92 9.04 2.71
C ASN A 503 -6.36 8.93 3.19
N LEU A 504 -7.22 8.28 2.40
CA LEU A 504 -8.60 8.08 2.83
C LEU A 504 -8.66 7.23 4.08
N LEU A 505 -7.66 6.37 4.29
CA LEU A 505 -7.63 5.56 5.50
C LEU A 505 -7.55 6.43 6.74
N ALA A 506 -6.92 7.61 6.63
CA ALA A 506 -6.87 8.54 7.76
C ALA A 506 -8.26 8.92 8.21
N VAL A 507 -9.20 9.05 7.27
CA VAL A 507 -10.59 9.32 7.65
C VAL A 507 -11.08 8.24 8.59
N VAL A 508 -10.86 6.98 8.23
CA VAL A 508 -11.29 5.85 9.07
C VAL A 508 -10.68 5.95 10.45
N VAL A 509 -9.49 6.56 10.55
CA VAL A 509 -8.86 6.72 11.85
C VAL A 509 -9.53 7.85 12.62
N ILE A 510 -9.75 8.99 11.98
CA ILE A 510 -10.06 10.20 12.74
C ILE A 510 -11.48 10.15 13.28
N ILE A 511 -12.39 9.48 12.57
CA ILE A 511 -13.74 9.29 13.08
C ILE A 511 -13.69 8.51 14.40
N GLY A 512 -12.67 7.66 14.56
CA GLY A 512 -12.43 7.08 15.86
C GLY A 512 -11.86 8.07 16.84
N ILE A 513 -10.82 8.80 16.44
CA ILE A 513 -10.07 9.62 17.39
C ILE A 513 -10.79 10.93 17.68
N GLY A 514 -11.48 11.49 16.69
CA GLY A 514 -11.97 12.85 16.82
C GLY A 514 -12.95 13.03 17.94
N ALA A 515 -13.78 12.02 18.19
CA ALA A 515 -14.77 12.12 19.25
C ALA A 515 -14.18 11.78 20.62
N ASP A 516 -12.98 11.18 20.64
CA ASP A 516 -12.42 10.67 21.89
C ASP A 516 -12.22 11.81 22.89
N ASP A 517 -11.62 12.91 22.43
CA ASP A 517 -11.35 14.04 23.32
C ASP A 517 -12.63 14.68 23.83
N VAL A 518 -13.78 14.36 23.23
CA VAL A 518 -15.05 14.81 23.80
C VAL A 518 -15.32 14.09 25.12
N PHE A 519 -15.20 12.76 25.12
CA PHE A 519 -15.62 11.98 26.28
C PHE A 519 -14.78 12.34 27.50
N LEU A 520 -13.49 12.61 27.28
CA LEU A 520 -12.63 12.98 28.39
C LEU A 520 -13.00 14.35 28.94
N PHE A 521 -13.47 15.25 28.09
CA PHE A 521 -13.74 16.61 28.54
C PHE A 521 -14.97 16.65 29.44
N LEU A 522 -16.12 16.25 28.90
CA LEU A 522 -17.39 16.47 29.58
C LEU A 522 -17.45 15.74 30.90
N LYS A 523 -16.84 14.55 30.97
CA LYS A 523 -16.67 13.85 32.24
C LYS A 523 -16.17 14.80 33.31
N ILE A 524 -14.99 15.38 33.10
CA ILE A 524 -14.43 16.30 34.07
C ILE A 524 -15.37 17.47 34.29
N TRP A 525 -16.00 17.95 33.20
CA TRP A 525 -16.96 19.04 33.32
C TRP A 525 -18.06 18.67 34.29
N HIS A 526 -18.66 17.49 34.10
CA HIS A 526 -19.71 17.06 35.00
C HIS A 526 -19.18 16.91 36.43
N CYS A 527 -17.94 16.41 36.55
CA CYS A 527 -17.34 16.32 37.88
C CYS A 527 -17.25 17.69 38.52
N VAL A 528 -16.84 18.70 37.75
CA VAL A 528 -16.71 20.04 38.31
C VAL A 528 -18.09 20.58 38.68
N LEU A 529 -19.14 20.13 37.99
CA LEU A 529 -20.48 20.58 38.34
C LEU A 529 -20.95 19.94 39.65
N THR A 530 -20.40 18.77 39.99
CA THR A 530 -20.82 18.12 41.23
C THR A 530 -20.09 18.69 42.44
N GLU A 531 -18.82 19.06 42.26
CA GLU A 531 -17.99 19.56 43.34
C GLU A 531 -17.84 21.08 43.26
N SER A 558 -19.25 32.50 36.74
CA SER A 558 -20.05 31.28 36.78
C SER A 558 -19.40 30.19 35.95
N LEU A 559 -19.55 30.30 34.62
CA LEU A 559 -18.98 29.30 33.73
C LEU A 559 -17.47 29.47 33.58
N GLU A 560 -16.94 30.66 33.88
CA GLU A 560 -15.52 30.91 33.68
C GLU A 560 -14.67 30.03 34.58
N ASN A 561 -15.03 29.93 35.86
CA ASN A 561 -14.22 29.15 36.79
C ASN A 561 -14.31 27.67 36.47
N ILE A 562 -15.51 27.19 36.16
CA ILE A 562 -15.71 25.80 35.78
C ILE A 562 -14.87 25.48 34.55
N MET A 563 -14.90 26.36 33.55
CA MET A 563 -14.13 26.17 32.33
C MET A 563 -12.64 26.13 32.64
N ALA A 564 -12.17 27.03 33.50
CA ALA A 564 -10.76 27.05 33.86
C ALA A 564 -10.34 25.74 34.48
N LEU A 565 -11.14 25.23 35.43
CA LEU A 565 -10.78 24.01 36.12
C LEU A 565 -10.77 22.82 35.16
N THR A 566 -11.84 22.65 34.38
CA THR A 566 -11.90 21.48 33.52
C THR A 566 -10.85 21.55 32.41
N MET A 567 -10.49 22.76 31.97
CA MET A 567 -9.44 22.87 30.97
C MET A 567 -8.09 22.52 31.58
N ARG A 568 -7.81 23.02 32.78
CA ARG A 568 -6.57 22.67 33.47
C ARG A 568 -6.46 21.17 33.68
N HIS A 569 -7.61 20.49 33.83
CA HIS A 569 -7.57 19.05 34.08
C HIS A 569 -7.46 18.24 32.80
N ALA A 570 -8.05 18.73 31.70
CA ALA A 570 -8.21 17.93 30.48
C ALA A 570 -7.19 18.24 29.40
N ALA A 571 -6.61 19.45 29.38
CA ALA A 571 -5.81 19.87 28.24
C ALA A 571 -4.56 19.03 28.12
N ALA A 572 -3.95 18.68 29.26
CA ALA A 572 -2.77 17.81 29.25
C ALA A 572 -3.06 16.50 28.52
N SER A 573 -4.10 15.80 28.93
CA SER A 573 -4.40 14.48 28.36
C SER A 573 -4.77 14.60 26.88
N MET A 574 -5.62 15.57 26.53
CA MET A 574 -6.01 15.74 25.14
C MET A 574 -4.80 16.03 24.25
N PHE A 575 -4.00 17.01 24.67
CA PHE A 575 -2.77 17.35 23.97
C PHE A 575 -1.88 16.14 23.80
N VAL A 576 -1.74 15.35 24.86
CA VAL A 576 -0.80 14.24 24.87
C VAL A 576 -1.23 13.16 23.88
N THR A 577 -2.52 12.81 23.90
CA THR A 577 -3.04 11.81 22.97
C THR A 577 -2.82 12.25 21.52
N SER A 578 -3.27 13.46 21.20
CA SER A 578 -3.16 13.94 19.83
C SER A 578 -1.70 14.06 19.40
N LEU A 579 -0.83 14.45 20.34
CA LEU A 579 0.59 14.58 20.01
C LEU A 579 1.19 13.22 19.67
N THR A 580 0.88 12.19 20.46
CA THR A 580 1.47 10.88 20.19
C THR A 580 1.01 10.36 18.84
N THR A 581 -0.31 10.46 18.55
CA THR A 581 -0.80 9.99 17.27
C THR A 581 -0.17 10.76 16.11
N ALA A 582 -0.19 12.09 16.18
CA ALA A 582 0.39 12.91 15.11
C ALA A 582 1.89 12.67 14.98
N GLY A 583 2.58 12.39 16.08
CA GLY A 583 4.01 12.15 16.00
C GLY A 583 4.33 10.86 15.29
N ALA A 584 3.55 9.81 15.56
CA ALA A 584 3.71 8.58 14.81
C ALA A 584 3.44 8.79 13.32
N PHE A 585 2.31 9.45 13.01
CA PHE A 585 1.97 9.69 11.62
C PHE A 585 3.04 10.51 10.90
N TYR A 586 3.62 11.50 11.59
CA TYR A 586 4.64 12.34 10.96
C TYR A 586 5.98 11.63 10.90
N ALA A 587 6.23 10.68 11.81
CA ALA A 587 7.42 9.85 11.69
C ALA A 587 7.33 8.95 10.49
N SER A 588 6.11 8.62 10.04
CA SER A 588 5.97 7.94 8.76
C SER A 588 6.52 8.76 7.59
N TYR A 589 6.72 10.07 7.74
CA TYR A 589 7.31 10.88 6.69
C TYR A 589 8.79 10.58 6.50
N SER A 590 9.42 9.92 7.48
CA SER A 590 10.84 9.59 7.35
C SER A 590 11.09 8.56 6.26
N SER A 591 10.06 7.86 5.82
CA SER A 591 10.24 6.82 4.82
C SER A 591 10.64 7.42 3.48
N SER A 592 11.26 6.58 2.66
CA SER A 592 11.64 6.99 1.31
C SER A 592 10.47 6.80 0.33
N ILE A 593 9.57 5.86 0.65
CA ILE A 593 8.39 5.65 -0.19
C ILE A 593 7.52 6.89 -0.13
N THR A 594 6.84 7.18 -1.25
CA THR A 594 6.13 8.44 -1.39
C THR A 594 4.75 8.37 -0.75
N ALA A 595 4.05 7.26 -0.95
CA ALA A 595 2.70 7.13 -0.42
C ALA A 595 2.71 7.18 1.10
N ILE A 596 3.76 6.63 1.72
CA ILE A 596 3.90 6.70 3.16
C ILE A 596 4.11 8.14 3.60
N LYS A 597 4.94 8.89 2.88
CA LYS A 597 5.14 10.31 3.18
C LYS A 597 3.83 11.07 3.13
N CYS A 598 3.08 10.87 2.04
CA CYS A 598 1.81 11.57 1.87
C CYS A 598 0.82 11.22 2.98
N PHE A 599 0.70 9.93 3.28
CA PHE A 599 -0.21 9.49 4.33
C PHE A 599 0.18 10.09 5.67
N GLY A 600 1.47 10.08 5.98
CA GLY A 600 1.96 10.63 7.22
C GLY A 600 1.60 12.09 7.37
N ILE A 601 1.92 12.89 6.35
CA ILE A 601 1.64 14.31 6.42
C ILE A 601 0.14 14.57 6.55
N PHE A 602 -0.66 13.87 5.74
CA PHE A 602 -2.11 14.10 5.78
C PHE A 602 -2.69 13.74 7.12
N ALA A 603 -2.36 12.56 7.65
CA ALA A 603 -2.96 12.13 8.90
C ALA A 603 -2.47 12.97 10.06
N GLY A 604 -1.21 13.36 10.07
CA GLY A 604 -0.72 14.26 11.09
C GLY A 604 -1.43 15.60 11.07
N THR A 605 -1.65 16.15 9.87
CA THR A 605 -2.40 17.40 9.78
C THR A 605 -3.82 17.22 10.25
N VAL A 606 -4.45 16.09 9.93
CA VAL A 606 -5.82 15.83 10.37
C VAL A 606 -5.86 15.81 11.89
N VAL A 607 -4.87 15.17 12.51
CA VAL A 607 -4.87 15.05 13.97
C VAL A 607 -4.64 16.41 14.61
N VAL A 608 -3.71 17.19 14.07
CA VAL A 608 -3.41 18.48 14.67
C VAL A 608 -4.60 19.42 14.52
N THR A 609 -5.25 19.40 13.36
CA THR A 609 -6.47 20.17 13.18
C THR A 609 -7.53 19.72 14.15
N ASN A 610 -7.66 18.41 14.36
CA ASN A 610 -8.65 17.91 15.31
C ASN A 610 -8.35 18.40 16.72
N TYR A 611 -7.07 18.53 17.07
CA TYR A 611 -6.73 18.97 18.41
C TYR A 611 -7.01 20.47 18.61
N LEU A 612 -6.64 21.28 17.63
CA LEU A 612 -6.95 22.70 17.72
C LEU A 612 -8.46 22.92 17.73
N LEU A 613 -9.17 22.19 16.86
CA LEU A 613 -10.62 22.19 16.89
C LEU A 613 -11.14 21.79 18.26
N MET A 614 -10.51 20.81 18.90
CA MET A 614 -10.93 20.45 20.24
C MET A 614 -10.84 21.65 21.16
N ILE A 615 -9.62 22.19 21.33
CA ILE A 615 -9.36 23.28 22.28
C ILE A 615 -10.35 24.43 22.08
N THR A 616 -10.54 24.86 20.84
CA THR A 616 -11.34 26.04 20.57
C THR A 616 -12.83 25.73 20.50
N TRP A 617 -13.22 24.78 19.65
CA TRP A 617 -14.62 24.64 19.24
C TRP A 617 -15.40 23.76 20.23
N LEU A 618 -14.72 22.89 21.01
CA LEU A 618 -15.48 22.02 21.89
C LEU A 618 -15.96 22.74 23.15
N PRO A 619 -15.10 23.47 23.87
CA PRO A 619 -15.59 24.12 25.10
C PRO A 619 -16.62 25.19 24.82
N ALA A 620 -16.50 25.88 23.68
CA ALA A 620 -17.53 26.82 23.29
C ALA A 620 -18.86 26.13 23.11
N SER A 621 -18.85 24.94 22.49
CA SER A 621 -20.09 24.19 22.31
C SER A 621 -20.62 23.72 23.66
N VAL A 622 -19.72 23.40 24.59
CA VAL A 622 -20.15 23.03 25.94
C VAL A 622 -20.89 24.19 26.60
N SER A 623 -20.26 25.37 26.59
CA SER A 623 -20.88 26.54 27.21
C SER A 623 -22.20 26.87 26.55
N ILE A 624 -22.29 26.72 25.22
CA ILE A 624 -23.55 26.95 24.53
C ILE A 624 -24.59 25.94 24.97
N MET A 625 -24.17 24.69 25.23
CA MET A 625 -25.11 23.68 25.70
C MET A 625 -25.69 24.08 27.05
N GLU A 626 -24.81 24.48 27.98
CA GLU A 626 -25.31 24.92 29.28
C GLU A 626 -26.17 26.17 29.16
N ARG A 627 -25.94 26.98 28.13
CA ARG A 627 -26.82 28.11 27.88
C ARG A 627 -28.17 27.65 27.34
N LEU A 628 -28.21 26.52 26.65
CA LEU A 628 -29.48 26.00 26.15
C LEU A 628 -30.32 25.42 27.28
N PHE A 629 -29.74 24.54 28.08
CA PHE A 629 -30.42 24.01 29.26
C PHE A 629 -30.79 25.16 30.22
N LYS A 648 -31.90 7.24 30.71
CA LYS A 648 -30.84 7.88 31.48
C LYS A 648 -30.54 7.11 32.76
N LYS A 649 -31.55 6.43 33.29
CA LYS A 649 -31.38 5.72 34.55
C LYS A 649 -30.57 4.44 34.34
N SER A 650 -30.97 3.62 33.37
CA SER A 650 -30.26 2.39 33.07
C SER A 650 -28.82 2.68 32.66
N ILE A 651 -28.60 3.78 31.93
CA ILE A 651 -27.25 4.13 31.51
C ILE A 651 -26.35 4.37 32.72
N ASN A 652 -26.83 5.19 33.67
CA ASN A 652 -26.02 5.49 34.83
C ASN A 652 -25.79 4.25 35.69
N ARG A 653 -26.84 3.44 35.88
CA ARG A 653 -26.69 2.23 36.70
C ARG A 653 -25.72 1.25 36.04
N PHE A 654 -25.78 1.12 34.71
CA PHE A 654 -24.90 0.22 33.99
C PHE A 654 -23.45 0.69 34.10
N CYS A 655 -23.22 1.98 33.89
CA CYS A 655 -21.85 2.49 33.97
C CYS A 655 -21.31 2.37 35.39
N GLN A 656 -22.16 2.58 36.39
CA GLN A 656 -21.73 2.41 37.77
C GLN A 656 -21.35 0.96 38.06
N MET A 657 -22.18 0.01 37.60
CA MET A 657 -21.87 -1.40 37.82
C MET A 657 -20.57 -1.79 37.12
N PHE A 658 -20.37 -1.28 35.89
CA PHE A 658 -19.15 -1.59 35.15
C PHE A 658 -17.92 -1.05 35.86
N GLU A 659 -17.96 0.22 36.28
CA GLU A 659 -16.86 0.79 37.03
C GLU A 659 -16.59 0.01 38.30
N GLU A 660 -17.64 -0.37 39.03
CA GLU A 660 -17.47 -1.11 40.28
C GLU A 660 -16.81 -2.45 40.04
N CYS A 661 -17.26 -3.18 39.02
CA CYS A 661 -16.70 -4.50 38.77
C CYS A 661 -15.25 -4.41 38.34
N ILE A 662 -14.93 -3.49 37.43
CA ILE A 662 -13.54 -3.31 37.00
C ILE A 662 -12.66 -2.94 38.19
N THR A 663 -13.11 -2.02 39.05
CA THR A 663 -12.32 -1.60 40.19
C THR A 663 -12.07 -2.75 41.15
N LYS A 664 -13.14 -3.48 41.51
CA LYS A 664 -12.98 -4.59 42.45
C LYS A 664 -12.08 -5.67 41.88
N SER A 665 -12.17 -5.91 40.58
CA SER A 665 -11.31 -6.91 39.95
C SER A 665 -9.86 -6.51 40.01
N ILE A 666 -9.55 -5.27 39.64
CA ILE A 666 -8.16 -4.83 39.63
C ILE A 666 -7.60 -4.81 41.05
N MET A 667 -8.40 -4.36 42.02
CA MET A 667 -7.88 -4.20 43.37
C MET A 667 -7.70 -5.55 44.05
N ASN A 668 -8.69 -6.44 43.92
CA ASN A 668 -8.58 -7.76 44.53
C ASN A 668 -7.63 -8.64 43.72
N TYR A 669 -7.96 -8.91 42.46
CA TYR A 669 -7.17 -9.77 41.59
C TYR A 669 -6.29 -8.88 40.71
N ALA A 670 -5.05 -8.66 41.18
CA ALA A 670 -4.06 -7.87 40.45
C ALA A 670 -2.95 -8.75 39.88
N TYR A 671 -2.32 -9.55 40.74
CA TYR A 671 -1.24 -10.42 40.31
C TYR A 671 -1.70 -11.40 39.24
N LEU A 672 -2.97 -11.80 39.29
CA LEU A 672 -3.51 -12.66 38.25
C LEU A 672 -3.40 -12.02 36.87
N TRP A 673 -3.88 -10.79 36.75
CA TRP A 673 -3.82 -10.09 35.47
C TRP A 673 -2.37 -9.81 35.07
N LEU A 674 -1.54 -9.47 36.06
CA LEU A 674 -0.13 -9.24 35.77
C LEU A 674 0.51 -10.47 35.15
N LEU A 675 0.32 -11.63 35.77
CA LEU A 675 0.84 -12.88 35.23
C LEU A 675 0.29 -13.17 33.84
N ILE A 676 -1.03 -13.09 33.69
CA ILE A 676 -1.67 -13.45 32.41
C ILE A 676 -1.15 -12.56 31.29
N PHE A 677 -1.18 -11.25 31.48
CA PHE A 677 -0.81 -10.36 30.40
C PHE A 677 0.69 -10.33 30.17
N GLY A 678 1.52 -10.60 31.19
CA GLY A 678 2.93 -10.78 30.93
C GLY A 678 3.22 -12.02 30.12
N ALA A 679 2.49 -13.11 30.41
CA ALA A 679 2.64 -14.33 29.63
C ALA A 679 2.26 -14.09 28.17
N LEU A 680 1.12 -13.40 27.96
CA LEU A 680 0.71 -13.09 26.60
C LEU A 680 1.74 -12.19 25.91
N GLY A 681 2.34 -11.27 26.65
CA GLY A 681 3.36 -10.42 26.07
C GLY A 681 4.57 -11.21 25.61
N ALA A 682 5.03 -12.13 26.45
CA ALA A 682 6.20 -12.95 26.09
C ALA A 682 5.89 -13.84 24.90
N SER A 683 4.72 -14.49 24.92
CA SER A 683 4.31 -15.32 23.79
C SER A 683 4.26 -14.51 22.50
N SER A 684 3.69 -13.31 22.56
CA SER A 684 3.56 -12.49 21.37
C SER A 684 4.91 -12.00 20.89
N ALA A 685 5.84 -11.74 21.81
CA ALA A 685 7.19 -11.39 21.39
C ALA A 685 7.85 -12.55 20.65
N VAL A 686 7.68 -13.77 21.17
CA VAL A 686 8.21 -14.95 20.50
C VAL A 686 7.60 -15.09 19.12
N ILE A 687 6.31 -14.77 18.99
CA ILE A 687 5.64 -14.91 17.70
C ILE A 687 6.13 -13.85 16.72
N VAL A 688 6.32 -12.62 17.20
CA VAL A 688 6.56 -11.51 16.28
C VAL A 688 8.03 -11.44 15.89
N PHE A 689 8.92 -11.98 16.71
CA PHE A 689 10.35 -11.84 16.48
C PHE A 689 11.02 -13.10 15.93
N TRP A 690 10.92 -14.24 16.61
CA TRP A 690 11.89 -15.29 16.33
C TRP A 690 11.52 -16.08 15.08
N TYR A 691 10.52 -16.98 15.16
CA TYR A 691 10.24 -17.83 14.00
C TYR A 691 9.28 -17.16 13.02
N PRO A 692 8.01 -16.90 13.40
CA PRO A 692 7.07 -16.36 12.39
C PRO A 692 6.99 -14.84 12.44
N GLY A 693 8.07 -14.18 12.07
CA GLY A 693 8.12 -12.74 12.08
C GLY A 693 7.21 -12.13 11.04
N LEU A 694 7.26 -10.80 10.95
CA LEU A 694 6.57 -10.08 9.88
C LEU A 694 7.37 -10.29 8.59
N GLN A 695 7.14 -11.45 7.98
CA GLN A 695 7.90 -11.80 6.80
C GLN A 695 7.50 -10.92 5.63
N LEU A 696 8.45 -10.66 4.75
CA LEU A 696 8.23 -9.78 3.63
C LEU A 696 7.36 -10.47 2.58
N PRO A 697 6.70 -9.70 1.70
CA PRO A 697 5.82 -10.33 0.71
C PRO A 697 6.62 -10.84 -0.48
N GLU A 698 6.47 -12.13 -0.77
CA GLU A 698 7.30 -12.83 -1.72
C GLU A 698 6.59 -13.22 -3.01
N LYS A 699 5.27 -13.11 -3.07
CA LYS A 699 4.49 -13.40 -4.27
C LYS A 699 3.57 -12.21 -4.50
N SER A 700 4.16 -11.01 -4.52
CA SER A 700 3.50 -9.76 -4.16
C SER A 700 2.13 -9.54 -4.76
N HIS A 701 2.05 -9.33 -6.08
CA HIS A 701 0.83 -9.01 -6.81
C HIS A 701 0.22 -7.65 -6.45
N PHE A 702 0.76 -6.98 -5.42
CA PHE A 702 0.13 -5.83 -4.77
C PHE A 702 -1.39 -6.03 -4.67
N GLN A 703 -1.76 -7.05 -3.90
CA GLN A 703 -3.15 -7.45 -3.75
C GLN A 703 -4.01 -6.29 -3.28
N LEU A 704 -5.22 -6.21 -3.85
CA LEU A 704 -6.17 -5.14 -3.59
C LEU A 704 -7.46 -5.65 -2.99
N PHE A 705 -8.07 -6.67 -3.61
CA PHE A 705 -9.36 -7.17 -3.18
C PHE A 705 -9.18 -8.30 -2.17
N VAL A 706 -10.31 -8.80 -1.68
CA VAL A 706 -10.30 -9.92 -0.75
C VAL A 706 -9.92 -11.19 -1.51
N SER A 707 -9.29 -12.12 -0.80
CA SER A 707 -8.88 -13.40 -1.38
C SER A 707 -10.03 -14.11 -2.06
N LYS A 708 -11.22 -14.07 -1.44
CA LYS A 708 -12.43 -14.63 -2.04
C LYS A 708 -13.18 -13.53 -2.79
N HIS A 709 -12.46 -12.92 -3.72
CA HIS A 709 -13.01 -12.05 -4.75
C HIS A 709 -12.58 -12.62 -6.08
N PRO A 710 -13.43 -12.60 -7.12
CA PRO A 710 -13.05 -13.28 -8.37
C PRO A 710 -11.77 -12.79 -9.00
N PHE A 711 -11.56 -11.47 -9.03
CA PHE A 711 -10.34 -10.92 -9.63
C PHE A 711 -9.10 -11.40 -8.88
N GLU A 712 -9.24 -11.72 -7.59
CA GLU A 712 -8.09 -12.18 -6.81
C GLU A 712 -7.99 -13.70 -6.83
N VAL A 713 -9.13 -14.39 -6.94
CA VAL A 713 -9.11 -15.84 -7.08
C VAL A 713 -8.44 -16.22 -8.40
N TYR A 714 -8.69 -15.44 -9.45
CA TYR A 714 -8.13 -15.76 -10.76
C TYR A 714 -6.60 -15.74 -10.72
N SER A 715 -6.03 -14.79 -9.98
CA SER A 715 -4.57 -14.69 -9.90
C SER A 715 -3.97 -15.94 -9.30
N SER A 716 -4.71 -16.59 -8.39
CA SER A 716 -4.27 -17.87 -7.87
C SER A 716 -4.50 -18.98 -8.88
N LEU A 717 -5.62 -18.94 -9.61
CA LEU A 717 -5.96 -19.96 -10.59
C LEU A 717 -5.39 -19.67 -11.98
N LYS A 718 -4.38 -18.81 -12.09
CA LYS A 718 -3.75 -18.60 -13.39
C LYS A 718 -2.87 -19.77 -13.78
N GLN A 719 -1.94 -20.15 -12.89
CA GLN A 719 -0.88 -21.07 -13.26
C GLN A 719 -1.42 -22.45 -13.63
N GLN A 720 -2.63 -22.78 -13.19
CA GLN A 720 -3.20 -24.09 -13.50
C GLN A 720 -3.47 -24.23 -14.99
N PHE A 721 -3.80 -23.12 -15.66
CA PHE A 721 -4.03 -23.14 -17.09
C PHE A 721 -2.73 -22.92 -17.85
N TRP A 722 -2.78 -23.17 -19.16
CA TRP A 722 -1.55 -23.27 -19.94
C TRP A 722 -1.02 -21.89 -20.33
N PHE A 723 -1.90 -21.00 -20.79
CA PHE A 723 -1.48 -19.76 -21.44
C PHE A 723 -1.26 -18.63 -20.42
N GLU A 724 -0.51 -18.95 -19.36
CA GLU A 724 -0.10 -17.97 -18.37
C GLU A 724 1.40 -17.95 -18.13
N LYS A 725 2.17 -18.80 -18.82
CA LYS A 725 3.62 -18.85 -18.70
C LYS A 725 4.24 -18.36 -20.01
N PRO A 726 5.23 -17.45 -19.97
CA PRO A 726 5.77 -16.99 -21.26
C PRO A 726 6.76 -17.99 -21.87
N TYR A 731 12.27 -20.71 -19.99
CA TYR A 731 10.89 -20.25 -19.91
C TYR A 731 10.81 -18.87 -19.27
N ASN A 732 11.15 -18.79 -17.98
CA ASN A 732 11.10 -17.52 -17.28
C ASN A 732 12.12 -16.55 -17.88
N PHE A 733 11.77 -15.26 -17.88
CA PHE A 733 12.65 -14.23 -18.42
C PHE A 733 13.82 -14.06 -17.47
N LYS A 734 15.01 -14.40 -17.94
CA LYS A 734 16.21 -14.15 -17.15
C LYS A 734 16.39 -12.64 -16.96
N MET A 735 17.03 -12.28 -15.85
CA MET A 735 17.28 -10.89 -15.56
C MET A 735 18.44 -10.39 -16.40
N HIS A 736 18.40 -9.11 -16.77
CA HIS A 736 19.40 -8.51 -17.66
C HIS A 736 20.00 -7.32 -16.96
N MET A 737 21.31 -7.37 -16.73
CA MET A 737 22.05 -6.30 -16.06
C MET A 737 22.46 -5.23 -17.05
N HIS A 738 22.31 -3.96 -16.64
CA HIS A 738 22.75 -2.81 -17.40
C HIS A 738 23.84 -2.09 -16.61
N PHE A 739 24.88 -1.65 -17.32
CA PHE A 739 25.93 -0.82 -16.76
C PHE A 739 25.95 0.49 -17.52
N VAL A 740 25.74 1.60 -16.82
CA VAL A 740 25.60 2.92 -17.43
C VAL A 740 26.69 3.83 -16.88
N TRP A 741 27.21 4.72 -17.73
CA TRP A 741 28.32 5.59 -17.39
C TRP A 741 28.04 7.07 -17.58
N GLY A 742 27.33 7.44 -18.64
CA GLY A 742 27.33 8.84 -19.07
C GLY A 742 26.66 9.77 -18.10
N VAL A 743 25.65 9.29 -17.38
CA VAL A 743 24.73 10.14 -16.64
C VAL A 743 24.88 9.86 -15.16
N GLN A 744 24.52 10.85 -14.34
CA GLN A 744 24.68 10.75 -12.90
C GLN A 744 23.47 10.05 -12.28
N ALA A 745 23.71 9.46 -11.10
CA ALA A 745 22.66 8.78 -10.33
C ALA A 745 22.08 9.76 -9.31
N VAL A 746 21.24 10.66 -9.81
CA VAL A 746 20.65 11.73 -9.02
C VAL A 746 19.18 11.88 -9.38
N ASP A 747 18.37 12.18 -8.38
CA ASP A 747 16.93 12.41 -8.53
C ASP A 747 16.63 13.84 -8.11
N ASP A 748 16.70 14.77 -9.06
CA ASP A 748 16.38 16.17 -8.81
C ASP A 748 14.91 16.44 -9.11
N GLY A 749 14.06 15.80 -8.31
CA GLY A 749 12.63 15.98 -8.40
C GLY A 749 12.01 16.00 -7.01
N ASP A 750 10.69 16.10 -6.95
CA ASP A 750 9.97 16.11 -5.68
C ASP A 750 9.66 14.68 -5.29
N TYR A 751 10.19 14.24 -4.15
CA TYR A 751 10.06 12.85 -3.74
C TYR A 751 8.65 12.48 -3.26
N THR A 752 7.72 13.43 -3.25
CA THR A 752 6.38 13.16 -2.74
C THR A 752 5.44 12.69 -3.84
N ASN A 753 5.58 13.29 -5.10
CA ASN A 753 4.75 12.85 -6.21
C ASN A 753 5.56 11.98 -7.17
N PRO A 754 4.93 10.95 -7.79
CA PRO A 754 5.70 10.04 -8.63
C PRO A 754 5.79 10.48 -10.09
N ASN A 755 5.37 11.71 -10.38
CA ASN A 755 5.35 12.25 -11.74
C ASN A 755 6.30 13.43 -11.89
N SER A 756 7.25 13.60 -10.97
CA SER A 756 8.31 14.60 -11.08
C SER A 756 9.63 13.88 -10.80
N TYR A 757 10.22 13.32 -11.86
CA TYR A 757 11.49 12.62 -11.76
C TYR A 757 12.68 13.56 -11.92
N GLY A 758 12.49 14.72 -12.54
CA GLY A 758 13.53 15.71 -12.64
C GLY A 758 14.24 15.67 -13.98
N HIS A 759 15.47 16.17 -13.96
CA HIS A 759 16.29 16.31 -15.15
C HIS A 759 17.62 15.62 -14.91
N LEU A 760 17.95 14.67 -15.78
CA LEU A 760 19.22 13.96 -15.67
C LEU A 760 20.38 14.89 -15.95
N HIS A 761 21.48 14.68 -15.23
CA HIS A 761 22.72 15.42 -15.40
C HIS A 761 23.75 14.50 -16.02
N TYR A 762 24.37 14.94 -17.11
CA TYR A 762 25.42 14.16 -17.75
C TYR A 762 26.74 14.41 -17.04
N ASP A 763 27.49 13.33 -16.81
CA ASP A 763 28.83 13.47 -16.28
C ASP A 763 29.76 14.01 -17.35
N ASN A 764 30.43 15.12 -17.03
CA ASN A 764 31.29 15.80 -17.98
C ASN A 764 32.72 15.32 -17.95
N ASN A 765 33.08 14.44 -17.01
CA ASN A 765 34.39 13.80 -16.96
C ASN A 765 34.42 12.49 -17.73
N PHE A 766 33.56 12.34 -18.74
CA PHE A 766 33.31 11.06 -19.38
C PHE A 766 33.86 11.08 -20.81
N ASN A 767 34.91 10.28 -21.04
CA ASN A 767 35.58 10.19 -22.33
C ASN A 767 35.85 8.76 -22.76
N VAL A 768 35.00 8.21 -23.62
CA VAL A 768 35.11 6.82 -24.06
C VAL A 768 36.31 6.64 -24.96
N SER A 769 36.55 7.60 -25.84
CA SER A 769 37.50 7.44 -26.93
C SER A 769 38.95 7.31 -26.49
N SER A 770 39.27 7.61 -25.23
CA SER A 770 40.64 7.46 -24.76
C SER A 770 41.09 6.01 -24.87
N ARG A 771 42.38 5.83 -25.15
CA ARG A 771 42.92 4.47 -25.28
C ARG A 771 42.74 3.64 -24.01
N PRO A 772 43.07 4.14 -22.80
CA PRO A 772 42.80 3.33 -21.60
C PRO A 772 41.34 2.97 -21.44
N ALA A 773 40.43 3.85 -21.87
CA ALA A 773 39.01 3.52 -21.81
C ALA A 773 38.68 2.36 -22.73
N GLN A 774 39.24 2.35 -23.94
CA GLN A 774 39.05 1.22 -24.84
C GLN A 774 39.56 -0.08 -24.21
N LEU A 775 40.80 -0.06 -23.72
CA LEU A 775 41.38 -1.24 -23.10
C LEU A 775 40.51 -1.73 -21.94
N TRP A 776 40.05 -0.80 -21.09
CA TRP A 776 39.31 -1.20 -19.91
C TRP A 776 37.93 -1.73 -20.28
N ILE A 777 37.30 -1.16 -21.31
CA ILE A 777 35.99 -1.65 -21.72
C ILE A 777 36.11 -3.06 -22.30
N LEU A 778 37.17 -3.29 -23.08
CA LEU A 778 37.38 -4.63 -23.62
C LEU A 778 37.63 -5.63 -22.48
N ASP A 779 38.50 -5.27 -21.53
CA ASP A 779 38.75 -6.15 -20.40
C ASP A 779 37.50 -6.34 -19.56
N PHE A 780 36.63 -5.33 -19.49
CA PHE A 780 35.38 -5.45 -18.75
C PHE A 780 34.46 -6.49 -19.39
N CYS A 781 34.29 -6.41 -20.70
CA CYS A 781 33.50 -7.42 -21.40
C CYS A 781 34.08 -8.82 -21.20
N GLN A 782 35.39 -8.96 -21.45
CA GLN A 782 36.01 -10.28 -21.37
C GLN A 782 36.04 -10.79 -19.93
N SER A 783 35.93 -9.89 -18.95
CA SER A 783 35.84 -10.30 -17.55
C SER A 783 34.42 -10.74 -17.21
N VAL A 784 33.42 -10.10 -17.81
CA VAL A 784 32.05 -10.56 -17.61
C VAL A 784 31.90 -11.96 -18.19
N ARG A 785 32.64 -12.24 -19.27
CA ARG A 785 32.64 -13.60 -19.80
C ARG A 785 33.13 -14.62 -18.77
N GLN A 786 33.97 -14.18 -17.82
CA GLN A 786 34.53 -15.10 -16.84
C GLN A 786 33.57 -15.33 -15.67
N GLN A 787 32.88 -14.29 -15.24
CA GLN A 787 32.15 -14.34 -13.96
C GLN A 787 30.99 -15.33 -14.05
N PRO A 788 30.56 -15.90 -12.91
CA PRO A 788 29.58 -16.99 -12.99
C PRO A 788 28.18 -16.55 -13.36
N PHE A 789 27.78 -15.35 -12.97
CA PHE A 789 26.40 -14.91 -13.22
C PHE A 789 26.15 -14.55 -14.68
N TYR A 790 27.17 -14.61 -15.53
CA TYR A 790 27.02 -14.26 -16.93
C TYR A 790 26.25 -15.37 -17.65
N LYS A 791 25.45 -14.98 -18.65
CA LYS A 791 24.70 -15.91 -19.47
C LYS A 791 24.60 -15.33 -20.88
N GLU A 792 24.82 -16.18 -21.88
CA GLU A 792 24.76 -15.76 -23.29
C GLU A 792 23.61 -16.45 -24.00
N LEU A 798 25.44 -8.49 -32.04
CA LEU A 798 24.68 -8.01 -30.90
C LEU A 798 24.96 -6.52 -30.66
N PRO A 799 24.06 -5.82 -29.96
CA PRO A 799 24.33 -4.40 -29.66
C PRO A 799 25.22 -4.22 -28.44
N ASN A 800 25.15 -5.16 -27.49
CA ASN A 800 25.92 -5.05 -26.26
C ASN A 800 27.40 -5.29 -26.52
N CYS A 801 28.26 -4.61 -25.76
CA CYS A 801 29.70 -4.61 -26.01
C CYS A 801 30.01 -4.18 -27.45
N PHE A 802 29.65 -2.93 -27.71
CA PHE A 802 29.80 -2.35 -29.05
C PHE A 802 31.24 -2.37 -29.53
N ILE A 803 32.20 -2.38 -28.59
CA ILE A 803 33.61 -2.27 -28.90
C ILE A 803 34.05 -3.44 -29.79
N GLU A 804 33.44 -4.61 -29.60
CA GLU A 804 33.76 -5.76 -30.42
C GLU A 804 33.31 -5.54 -31.86
N ASN A 805 32.09 -5.04 -32.03
CA ASN A 805 31.59 -4.74 -33.37
C ASN A 805 32.44 -3.65 -34.02
N LEU A 806 32.93 -2.70 -33.23
CA LEU A 806 33.79 -1.66 -33.78
C LEU A 806 35.13 -2.23 -34.22
N ILE A 807 35.66 -3.18 -33.45
CA ILE A 807 36.92 -3.81 -33.84
C ILE A 807 36.73 -4.61 -35.11
N ASP A 808 35.54 -5.20 -35.28
CA ASP A 808 35.23 -5.87 -36.54
C ASP A 808 35.17 -4.86 -37.68
N TYR A 809 34.53 -3.71 -37.44
CA TYR A 809 34.45 -2.65 -38.45
C TYR A 809 35.84 -2.16 -38.82
N MET A 810 36.78 -2.20 -37.87
CA MET A 810 38.17 -1.89 -38.18
C MET A 810 38.83 -3.02 -38.96
N LYS A 811 38.44 -4.26 -38.67
CA LYS A 811 39.16 -5.42 -39.20
C LYS A 811 39.04 -5.52 -40.70
N ARG A 812 37.93 -5.05 -41.26
CA ARG A 812 37.72 -5.17 -42.70
C ARG A 812 38.76 -4.33 -43.44
N ARG A 813 39.38 -4.95 -44.44
CA ARG A 813 40.40 -4.28 -45.25
C ARG A 813 39.75 -3.21 -46.10
N CYS A 814 40.56 -2.27 -46.58
CA CYS A 814 40.05 -1.22 -47.45
C CYS A 814 39.59 -1.81 -48.78
N ILE A 815 39.07 -0.95 -49.65
CA ILE A 815 38.55 -1.30 -50.98
C ILE A 815 37.67 -2.55 -50.96
N PRO A 827 39.90 5.18 -44.19
CA PRO A 827 39.75 5.84 -42.89
C PRO A 827 39.52 4.84 -41.75
N CYS A 828 38.39 4.13 -41.84
CA CYS A 828 38.06 3.12 -40.85
C CYS A 828 38.69 1.76 -41.16
N CYS A 829 39.18 1.58 -42.37
CA CYS A 829 39.58 0.25 -42.82
C CYS A 829 41.02 -0.07 -42.47
N ASP A 830 41.29 -1.36 -42.29
CA ASP A 830 42.64 -1.89 -42.12
C ASP A 830 43.30 -1.34 -40.86
N ALA A 831 42.51 -1.17 -39.80
CA ALA A 831 43.01 -0.69 -38.52
C ALA A 831 43.09 -1.84 -37.52
N GLN A 832 43.63 -1.52 -36.34
CA GLN A 832 43.79 -2.45 -35.24
C GLN A 832 42.75 -2.11 -34.18
N PHE A 833 42.88 -2.72 -32.99
CA PHE A 833 42.00 -2.35 -31.88
C PHE A 833 42.44 -1.09 -31.15
N PRO A 834 43.71 -0.92 -30.77
CA PRO A 834 44.11 0.37 -30.17
C PRO A 834 44.44 1.38 -31.24
N PHE A 835 43.63 2.45 -31.37
CA PHE A 835 43.81 3.43 -32.42
C PHE A 835 43.45 4.82 -31.91
N GLU A 836 43.63 5.79 -32.78
CA GLU A 836 43.59 7.19 -32.39
C GLU A 836 42.18 7.58 -31.98
N PRO A 837 42.00 8.40 -30.93
CA PRO A 837 40.62 8.72 -30.48
C PRO A 837 39.77 9.49 -31.49
N HIS A 838 40.35 10.35 -32.33
CA HIS A 838 39.47 11.04 -33.29
C HIS A 838 39.00 10.07 -34.36
N ILE A 839 39.85 9.12 -34.75
CA ILE A 839 39.41 8.04 -35.64
C ILE A 839 38.31 7.23 -34.96
N PHE A 840 38.45 7.01 -33.65
CA PHE A 840 37.44 6.28 -32.89
C PHE A 840 36.10 6.99 -32.97
N GLU A 841 36.10 8.29 -32.65
CA GLU A 841 34.82 9.01 -32.60
C GLU A 841 34.25 9.22 -34.00
N TYR A 842 35.09 9.23 -35.04
CA TYR A 842 34.59 9.39 -36.38
C TYR A 842 34.04 8.08 -36.96
N CYS A 843 34.63 6.95 -36.57
CA CYS A 843 34.26 5.66 -37.16
C CYS A 843 33.20 4.92 -36.36
N LEU A 844 33.10 5.18 -35.05
CA LEU A 844 32.11 4.49 -34.23
C LEU A 844 30.67 4.76 -34.66
N PRO A 845 30.24 6.00 -34.88
CA PRO A 845 28.88 6.20 -35.41
C PRO A 845 28.68 5.53 -36.76
N GLN A 846 29.71 5.50 -37.60
CA GLN A 846 29.61 4.76 -38.85
C GLN A 846 29.44 3.26 -38.59
N SER A 847 30.10 2.74 -37.56
CA SER A 847 29.92 1.34 -37.21
C SER A 847 28.49 1.06 -36.78
N ILE A 848 27.94 1.93 -35.94
CA ILE A 848 26.56 1.75 -35.49
C ILE A 848 25.59 1.89 -36.66
N SER A 849 25.89 2.80 -37.57
CA SER A 849 25.03 2.98 -38.74
C SER A 849 25.04 1.71 -39.60
N ASN A 850 26.23 1.17 -39.88
CA ASN A 850 26.29 -0.03 -40.71
C ASN A 850 25.74 -1.25 -39.99
N MET A 851 25.75 -1.25 -38.65
CA MET A 851 25.21 -2.38 -37.91
C MET A 851 23.69 -2.31 -37.85
N TYR A 852 23.12 -1.11 -37.78
CA TYR A 852 21.66 -0.97 -37.81
C TYR A 852 21.13 -1.14 -39.23
N ASP A 853 21.91 -0.74 -40.24
CA ASP A 853 21.45 -0.85 -41.62
C ASP A 853 21.37 -2.31 -42.07
N THR A 854 22.04 -3.22 -41.36
CA THR A 854 21.75 -4.62 -41.54
C THR A 854 20.27 -4.88 -41.27
N THR A 855 19.71 -5.86 -41.99
CA THR A 855 18.28 -6.12 -41.86
C THR A 855 17.94 -6.83 -40.55
N PHE A 856 18.96 -7.19 -39.77
CA PHE A 856 18.70 -7.68 -38.42
C PHE A 856 17.99 -6.63 -37.58
N PHE A 857 18.69 -5.52 -37.32
CA PHE A 857 18.12 -4.37 -36.61
C PHE A 857 17.58 -4.78 -35.24
N ARG A 858 18.49 -5.24 -34.39
CA ARG A 858 18.09 -5.70 -33.06
C ARG A 858 17.77 -4.50 -32.18
N PRO A 859 16.49 -4.21 -31.86
CA PRO A 859 16.20 -3.02 -31.06
C PRO A 859 16.37 -3.30 -29.58
N GLY A 860 17.30 -2.59 -28.94
CA GLY A 860 17.60 -2.83 -27.54
C GLY A 860 18.12 -1.58 -26.87
N VAL A 861 18.10 -1.63 -25.54
CA VAL A 861 18.60 -0.51 -24.75
C VAL A 861 20.11 -0.35 -24.95
N ALA A 862 20.81 -1.45 -25.21
CA ALA A 862 22.26 -1.46 -25.28
C ALA A 862 22.78 -0.51 -26.36
N GLY A 863 24.01 -0.06 -26.16
CA GLY A 863 24.73 0.71 -27.16
C GLY A 863 25.14 2.08 -26.65
N PRO A 864 25.90 2.80 -27.47
CA PRO A 864 26.26 4.18 -27.09
C PRO A 864 25.18 5.16 -27.48
N LYS A 865 25.33 6.39 -26.96
CA LYS A 865 24.40 7.48 -27.19
C LYS A 865 25.18 8.71 -27.63
N PHE A 866 24.77 9.29 -28.76
CA PHE A 866 25.49 10.37 -29.41
C PHE A 866 24.71 11.67 -29.32
N ALA A 867 25.45 12.78 -29.43
CA ALA A 867 24.87 14.11 -29.48
C ALA A 867 25.67 14.97 -30.45
N GLU A 868 25.06 16.09 -30.85
CA GLU A 868 25.56 16.86 -31.98
C GLU A 868 26.73 17.77 -31.62
N ALA A 869 27.06 17.88 -30.34
CA ALA A 869 28.12 18.77 -29.87
C ALA A 869 27.79 20.22 -30.19
N PHE A 894 30.01 14.62 -42.94
CA PHE A 894 29.26 14.40 -41.71
C PHE A 894 29.73 15.33 -40.60
N THR A 895 28.79 15.69 -39.72
CA THR A 895 29.14 16.51 -38.58
C THR A 895 29.73 15.63 -37.48
N PRO A 896 30.72 16.11 -36.72
CA PRO A 896 31.27 15.28 -35.65
C PRO A 896 30.33 15.22 -34.45
N LEU A 897 29.95 14.01 -34.07
CA LEU A 897 29.12 13.77 -32.89
C LEU A 897 30.04 13.51 -31.72
N LEU A 898 29.48 13.44 -30.51
CA LEU A 898 30.21 13.02 -29.33
C LEU A 898 29.35 12.09 -28.50
N VAL A 899 29.99 11.14 -27.82
CA VAL A 899 29.26 10.18 -27.01
C VAL A 899 29.00 10.78 -25.64
N LYS A 900 27.72 10.93 -25.30
CA LYS A 900 27.30 11.41 -23.99
C LYS A 900 27.08 10.28 -23.01
N ALA A 901 26.78 9.09 -23.49
CA ALA A 901 26.48 7.96 -22.61
C ALA A 901 26.50 6.67 -23.42
N LEU A 902 26.70 5.57 -22.69
CA LEU A 902 26.51 4.23 -23.22
C LEU A 902 25.92 3.38 -22.13
N VAL A 903 25.26 2.30 -22.53
CA VAL A 903 24.76 1.29 -21.61
C VAL A 903 25.17 -0.08 -22.14
N ILE A 904 25.78 -0.89 -21.28
CA ILE A 904 26.24 -2.22 -21.62
C ILE A 904 25.31 -3.22 -20.97
N GLU A 905 24.64 -4.03 -21.80
CA GLU A 905 23.73 -5.07 -21.35
C GLU A 905 24.48 -6.39 -21.23
N PHE A 906 24.08 -7.21 -20.27
CA PHE A 906 24.48 -8.60 -20.20
C PHE A 906 23.33 -9.41 -19.62
N GLU A 907 23.03 -10.55 -20.24
CA GLU A 907 22.02 -11.43 -19.69
C GLU A 907 22.59 -12.24 -18.54
N SER A 908 21.85 -12.27 -17.44
CA SER A 908 22.30 -12.90 -16.20
C SER A 908 21.65 -14.27 -16.06
N ASN A 909 22.31 -15.17 -15.33
CA ASN A 909 21.78 -16.52 -15.17
C ASN A 909 20.60 -16.54 -14.20
N VAL A 910 20.49 -15.53 -13.33
CA VAL A 910 19.40 -15.49 -12.37
C VAL A 910 18.10 -15.15 -13.08
N ALA A 911 17.03 -15.84 -12.68
CA ALA A 911 15.70 -15.55 -13.20
C ALA A 911 15.02 -14.49 -12.36
N TYR A 912 14.07 -13.80 -12.97
CA TYR A 912 13.34 -12.77 -12.25
C TYR A 912 12.46 -13.40 -11.18
N SER A 913 12.88 -13.24 -9.92
CA SER A 913 12.15 -13.76 -8.78
C SER A 913 11.56 -12.60 -8.01
N THR A 914 10.51 -12.88 -7.25
CA THR A 914 9.90 -11.84 -6.42
C THR A 914 10.51 -11.79 -5.03
N ILE A 915 11.24 -12.83 -4.64
CA ILE A 915 11.68 -12.91 -3.25
C ILE A 915 12.90 -12.03 -3.06
N TYR A 916 13.31 -11.87 -1.80
CA TYR A 916 14.25 -10.81 -1.44
C TYR A 916 15.68 -11.32 -1.46
N ALA A 917 15.90 -12.57 -1.04
CA ALA A 917 17.26 -13.07 -0.83
C ALA A 917 17.99 -13.30 -2.15
N ASN A 918 17.29 -13.83 -3.15
CA ASN A 918 17.93 -14.09 -4.44
C ASN A 918 18.46 -12.79 -5.06
N ILE A 919 17.59 -11.78 -5.15
CA ILE A 919 18.00 -10.54 -5.81
C ILE A 919 18.97 -9.78 -4.91
N ARG A 920 18.87 -9.96 -3.59
CA ARG A 920 19.88 -9.37 -2.71
C ARG A 920 21.25 -9.94 -3.01
N GLN A 921 21.36 -11.26 -3.09
CA GLN A 921 22.64 -11.89 -3.40
C GLN A 921 23.15 -11.43 -4.75
N PHE A 922 22.27 -11.44 -5.76
CA PHE A 922 22.65 -11.04 -7.11
C PHE A 922 23.18 -9.61 -7.14
N TYR A 923 22.40 -8.66 -6.60
CA TYR A 923 22.78 -7.27 -6.64
C TYR A 923 24.06 -7.02 -5.84
N GLU A 924 24.16 -7.59 -4.64
CA GLU A 924 25.34 -7.35 -3.81
C GLU A 924 26.59 -7.89 -4.48
N SER A 925 26.52 -9.11 -5.01
CA SER A 925 27.66 -9.71 -5.68
C SER A 925 28.10 -8.88 -6.88
N VAL A 926 27.14 -8.52 -7.74
CA VAL A 926 27.52 -7.83 -8.97
C VAL A 926 28.03 -6.43 -8.67
N GLU A 927 27.39 -5.73 -7.71
CA GLU A 927 27.85 -4.41 -7.34
C GLU A 927 29.26 -4.46 -6.74
N HIS A 928 29.52 -5.44 -5.90
CA HIS A 928 30.86 -5.58 -5.33
C HIS A 928 31.89 -5.79 -6.43
N TRP A 929 31.61 -6.72 -7.35
CA TRP A 929 32.56 -7.00 -8.42
C TRP A 929 32.75 -5.78 -9.31
N PHE A 930 31.67 -5.06 -9.61
CA PHE A 930 31.78 -3.90 -10.49
C PHE A 930 32.58 -2.78 -9.83
N GLN A 931 32.34 -2.53 -8.54
CA GLN A 931 33.07 -1.47 -7.86
C GLN A 931 34.53 -1.84 -7.66
N MET A 932 34.83 -3.14 -7.57
CA MET A 932 36.22 -3.56 -7.57
C MET A 932 36.85 -3.38 -8.95
N GLN A 933 36.08 -3.63 -10.01
CA GLN A 933 36.60 -3.51 -11.36
C GLN A 933 36.86 -2.06 -11.73
N LEU A 934 36.04 -1.14 -11.19
CA LEU A 934 36.16 0.26 -11.59
C LEU A 934 37.48 0.86 -11.12
N LYS A 935 38.03 0.35 -10.02
CA LYS A 935 39.31 0.88 -9.53
C LYS A 935 40.43 0.63 -10.53
N THR A 936 40.30 -0.41 -11.34
CA THR A 936 41.24 -0.62 -12.43
C THR A 936 41.12 0.49 -13.48
N ALA A 937 39.92 1.06 -13.61
CA ALA A 937 39.65 2.01 -14.67
C ALA A 937 40.41 3.31 -14.45
N PRO A 938 40.54 4.14 -15.49
CA PRO A 938 41.05 5.49 -15.29
C PRO A 938 40.03 6.35 -14.56
N PRO A 939 40.40 7.56 -14.14
CA PRO A 939 39.40 8.43 -13.50
C PRO A 939 38.33 8.92 -14.46
N GLU A 940 38.53 8.74 -15.76
CA GLU A 940 37.56 9.21 -16.74
C GLU A 940 36.27 8.40 -16.65
N LEU A 941 36.38 7.08 -16.51
CA LEU A 941 35.24 6.18 -16.49
C LEU A 941 34.76 5.85 -15.09
N GLN A 942 35.31 6.47 -14.05
CA GLN A 942 34.92 6.17 -12.67
C GLN A 942 33.68 6.98 -12.27
N GLY A 943 32.62 6.77 -13.04
CA GLY A 943 31.32 7.34 -12.76
C GLY A 943 30.21 6.40 -13.13
N GLY A 944 30.52 5.12 -13.28
CA GLY A 944 29.55 4.16 -13.76
C GLY A 944 28.73 3.58 -12.64
N TRP A 945 27.61 2.98 -13.02
CA TRP A 945 26.68 2.42 -12.04
C TRP A 945 25.86 1.30 -12.65
N PHE A 946 25.30 0.49 -11.75
CA PHE A 946 24.65 -0.77 -12.08
C PHE A 946 23.15 -0.62 -12.03
N THR A 947 22.44 -1.38 -12.86
CA THR A 947 20.99 -1.35 -12.87
C THR A 947 20.43 -2.69 -13.31
N SER A 948 19.21 -2.96 -12.86
CA SER A 948 18.39 -4.06 -13.35
C SER A 948 16.96 -3.75 -12.94
N ASP A 949 16.09 -4.75 -13.05
CA ASP A 949 14.71 -4.61 -12.62
C ASP A 949 14.63 -4.78 -11.09
N LEU A 950 15.15 -3.78 -10.39
CA LEU A 950 15.29 -3.78 -8.95
C LEU A 950 14.34 -2.85 -8.24
N LYS A 951 13.10 -2.73 -8.72
CA LYS A 951 12.14 -1.85 -8.06
C LYS A 951 11.59 -2.48 -6.79
N PHE A 952 11.02 -3.68 -6.92
CA PHE A 952 10.35 -4.32 -5.79
C PHE A 952 11.34 -4.69 -4.70
N TYR A 953 12.57 -5.08 -5.07
CA TYR A 953 13.58 -5.38 -4.07
C TYR A 953 13.98 -4.14 -3.30
N ASN A 954 14.10 -3.01 -4.00
CA ASN A 954 14.38 -1.73 -3.35
C ASN A 954 13.29 -1.40 -2.35
N VAL A 955 12.03 -1.55 -2.76
CA VAL A 955 10.90 -1.36 -1.87
C VAL A 955 11.04 -2.28 -0.65
N GLN A 956 11.38 -3.54 -0.87
CA GLN A 956 11.44 -4.51 0.22
C GLN A 956 12.49 -4.12 1.26
N ASP A 957 13.64 -3.64 0.80
CA ASP A 957 14.70 -3.24 1.74
C ASP A 957 14.29 -1.97 2.50
N THR A 958 13.89 -0.95 1.75
CA THR A 958 13.56 0.33 2.38
C THR A 958 12.40 0.20 3.34
N LEU A 959 11.50 -0.74 3.08
CA LEU A 959 10.32 -0.88 3.91
C LEU A 959 10.69 -1.31 5.32
N SER A 960 11.55 -2.33 5.43
CA SER A 960 12.03 -2.77 6.73
C SER A 960 12.81 -1.65 7.42
N HIS A 961 13.74 -1.02 6.69
CA HIS A 961 14.56 0.02 7.33
C HIS A 961 13.71 1.18 7.82
N ASP A 962 12.79 1.65 6.98
CA ASP A 962 11.98 2.81 7.32
C ASP A 962 10.96 2.47 8.40
N THR A 963 10.48 1.23 8.43
CA THR A 963 9.61 0.80 9.52
C THR A 963 10.35 0.86 10.85
N PHE A 964 11.60 0.37 10.88
CA PHE A 964 12.38 0.44 12.11
C PHE A 964 12.60 1.89 12.53
N VAL A 965 12.92 2.76 11.57
CA VAL A 965 13.15 4.17 11.88
C VAL A 965 11.89 4.82 12.43
N ALA A 966 10.74 4.53 11.82
CA ALA A 966 9.50 5.16 12.26
C ALA A 966 9.09 4.66 13.63
N ILE A 967 9.29 3.37 13.90
CA ILE A 967 9.04 2.84 15.23
C ILE A 967 9.91 3.55 16.25
N CYS A 968 11.19 3.73 15.94
CA CYS A 968 12.09 4.39 16.88
C CYS A 968 11.65 5.83 17.15
N LEU A 969 11.27 6.56 16.10
CA LEU A 969 10.88 7.95 16.29
C LEU A 969 9.59 8.08 17.08
N ALA A 970 8.58 7.26 16.76
CA ALA A 970 7.33 7.32 17.49
C ALA A 970 7.50 6.90 18.95
N MET A 971 8.32 5.87 19.18
CA MET A 971 8.61 5.45 20.55
C MET A 971 9.31 6.56 21.32
N ALA A 972 10.23 7.26 20.67
CA ALA A 972 10.92 8.37 21.32
C ALA A 972 9.94 9.50 21.67
N ALA A 973 9.05 9.82 20.74
CA ALA A 973 8.04 10.84 21.02
C ALA A 973 7.18 10.46 22.20
N SER A 974 6.69 9.22 22.22
CA SER A 974 5.84 8.78 23.32
C SER A 974 6.59 8.77 24.65
N LEU A 975 7.84 8.31 24.63
CA LEU A 975 8.64 8.29 25.85
C LEU A 975 8.88 9.69 26.39
N ALA A 976 9.16 10.64 25.48
CA ALA A 976 9.37 12.01 25.91
C ALA A 976 8.10 12.59 26.51
N VAL A 977 6.96 12.37 25.85
CA VAL A 977 5.71 12.91 26.35
C VAL A 977 5.37 12.32 27.72
N LEU A 978 5.61 11.01 27.88
CA LEU A 978 5.44 10.40 29.19
C LEU A 978 6.33 11.07 30.23
N LEU A 979 7.62 11.18 29.94
CA LEU A 979 8.56 11.72 30.94
C LEU A 979 8.24 13.15 31.29
N CYS A 980 7.67 13.91 30.35
CA CYS A 980 7.30 15.29 30.65
C CYS A 980 6.02 15.35 31.48
N PHE A 981 4.98 14.63 31.09
CA PHE A 981 3.68 14.82 31.73
C PHE A 981 3.52 13.95 32.97
N THR A 982 3.67 12.63 32.84
CA THR A 982 3.75 11.79 34.02
C THR A 982 5.19 11.77 34.56
N VAL A 983 5.59 12.86 35.20
CA VAL A 983 6.99 13.21 35.49
C VAL A 983 7.76 12.08 36.16
N ASN A 984 7.07 11.19 36.85
CA ASN A 984 7.69 10.05 37.53
C ASN A 984 8.39 9.16 36.51
N ILE A 985 9.41 8.45 36.97
CA ILE A 985 10.17 7.55 36.09
C ILE A 985 9.50 6.18 36.04
N LEU A 986 9.03 5.69 37.19
CA LEU A 986 8.48 4.35 37.25
C LEU A 986 7.22 4.24 36.41
N ILE A 987 6.38 5.28 36.43
CA ILE A 987 5.17 5.25 35.61
C ILE A 987 5.54 5.23 34.14
N SER A 988 6.62 5.95 33.78
CA SER A 988 7.07 5.94 32.40
C SER A 988 7.56 4.56 31.99
N ILE A 989 8.29 3.88 32.87
CA ILE A 989 8.78 2.55 32.57
C ILE A 989 7.61 1.57 32.42
N TYR A 990 6.66 1.62 33.36
CA TYR A 990 5.49 0.76 33.27
C TYR A 990 4.70 1.03 31.99
N ALA A 991 4.62 2.29 31.59
CA ALA A 991 3.87 2.62 30.39
C ALA A 991 4.58 2.12 29.14
N VAL A 992 5.90 2.27 29.10
CA VAL A 992 6.68 1.73 27.98
C VAL A 992 6.50 0.24 27.89
N LEU A 993 6.54 -0.44 29.04
CA LEU A 993 6.35 -1.89 29.07
C LEU A 993 4.97 -2.27 28.55
N THR A 994 3.93 -1.62 29.05
CA THR A 994 2.57 -1.94 28.64
C THR A 994 2.37 -1.70 27.16
N VAL A 995 2.91 -0.59 26.65
CA VAL A 995 2.76 -0.28 25.24
C VAL A 995 3.50 -1.29 24.37
N SER A 996 4.71 -1.65 24.79
CA SER A 996 5.49 -2.63 24.02
C SER A 996 4.77 -3.96 23.96
N LEU A 997 4.24 -4.43 25.09
CA LEU A 997 3.53 -5.71 25.09
C LEU A 997 2.24 -5.61 24.28
N SER A 998 1.59 -4.45 24.30
CA SER A 998 0.37 -4.29 23.51
C SER A 998 0.69 -4.37 22.03
N ILE A 999 1.76 -3.70 21.60
CA ILE A 999 2.12 -3.70 20.19
C ILE A 999 2.55 -5.11 19.77
N PHE A 1000 3.27 -5.80 20.66
CA PHE A 1000 3.67 -7.17 20.39
C PHE A 1000 2.45 -8.06 20.17
N ASN A 1001 1.48 -8.02 21.10
CA ASN A 1001 0.30 -8.84 20.98
C ASN A 1001 -0.50 -8.49 19.73
N THR A 1002 -0.56 -7.20 19.38
CA THR A 1002 -1.32 -6.80 18.19
C THR A 1002 -0.65 -7.34 16.94
N VAL A 1003 0.66 -7.14 16.81
CA VAL A 1003 1.37 -7.59 15.62
C VAL A 1003 1.31 -9.11 15.53
N ALA A 1004 1.34 -9.79 16.67
CA ALA A 1004 1.23 -11.24 16.68
C ALA A 1004 -0.13 -11.69 16.20
N VAL A 1005 -1.19 -11.06 16.69
CA VAL A 1005 -2.54 -11.37 16.23
C VAL A 1005 -2.64 -11.18 14.73
N LEU A 1006 -2.05 -10.09 14.23
CA LEU A 1006 -2.11 -9.81 12.80
C LEU A 1006 -1.36 -10.87 12.00
N ILE A 1007 -0.19 -11.28 12.49
CA ILE A 1007 0.57 -12.33 11.83
C ILE A 1007 -0.23 -13.62 11.77
N LEU A 1008 -0.82 -14.02 12.90
CA LEU A 1008 -1.63 -15.24 12.91
C LEU A 1008 -2.86 -15.10 12.02
N LEU A 1009 -3.29 -13.86 11.76
CA LEU A 1009 -4.37 -13.65 10.80
C LEU A 1009 -3.88 -13.77 9.37
N GLY A 1010 -2.56 -13.66 9.16
CA GLY A 1010 -1.96 -13.86 7.85
C GLY A 1010 -1.40 -12.60 7.25
N TRP A 1011 -0.87 -11.72 8.09
CA TRP A 1011 -0.36 -10.43 7.66
C TRP A 1011 1.14 -10.53 7.39
N GLN A 1012 1.55 -9.96 6.26
CA GLN A 1012 2.96 -9.85 5.89
C GLN A 1012 3.32 -8.37 5.80
N LEU A 1013 4.62 -8.09 5.80
CA LEU A 1013 5.04 -6.70 5.66
C LEU A 1013 4.59 -6.13 4.34
N ASN A 1014 4.13 -4.88 4.38
CA ASN A 1014 3.70 -4.14 3.22
C ASN A 1014 3.57 -2.68 3.66
N ILE A 1015 3.21 -1.83 2.71
CA ILE A 1015 3.17 -0.39 2.97
C ILE A 1015 2.16 -0.09 4.07
N LEU A 1016 0.92 -0.59 3.91
CA LEU A 1016 -0.10 -0.38 4.93
C LEU A 1016 0.30 -1.00 6.25
N GLU A 1017 0.99 -2.14 6.21
CA GLU A 1017 1.35 -2.83 7.44
C GLU A 1017 2.48 -2.11 8.15
N SER A 1018 3.45 -1.58 7.41
CA SER A 1018 4.48 -0.77 8.04
C SER A 1018 3.88 0.48 8.67
N ILE A 1019 2.98 1.15 7.94
CA ILE A 1019 2.25 2.29 8.48
C ILE A 1019 1.56 1.91 9.78
N ALA A 1020 0.81 0.81 9.77
CA ALA A 1020 0.03 0.43 10.93
C ALA A 1020 0.92 0.06 12.11
N VAL A 1021 2.07 -0.56 11.84
CA VAL A 1021 2.97 -0.93 12.92
C VAL A 1021 3.61 0.32 13.51
N SER A 1022 3.83 1.35 12.70
CA SER A 1022 4.36 2.60 13.24
C SER A 1022 3.30 3.35 14.03
N THR A 1023 2.04 3.28 13.60
CA THR A 1023 0.99 4.11 14.21
C THR A 1023 0.32 3.43 15.40
N ALA A 1024 0.51 2.10 15.53
CA ALA A 1024 -0.05 1.39 16.67
C ALA A 1024 0.47 1.96 17.98
N ILE A 1025 1.71 2.44 17.98
CA ILE A 1025 2.26 3.10 19.16
C ILE A 1025 1.38 4.28 19.54
N GLY A 1026 1.31 5.29 18.68
CA GLY A 1026 0.58 6.50 19.01
C GLY A 1026 -0.89 6.27 19.27
N LEU A 1027 -1.44 5.18 18.72
CA LEU A 1027 -2.82 4.84 19.03
C LEU A 1027 -2.94 4.21 20.42
N ALA A 1028 -1.96 3.38 20.81
CA ALA A 1028 -2.11 2.59 22.04
C ALA A 1028 -1.65 3.35 23.26
N VAL A 1029 -0.70 4.28 23.10
CA VAL A 1029 -0.10 4.93 24.25
C VAL A 1029 -1.10 5.85 24.93
N ASP A 1030 -2.21 6.18 24.26
CA ASP A 1030 -3.17 7.12 24.82
C ASP A 1030 -3.75 6.63 26.14
N PHE A 1031 -4.12 5.35 26.20
CA PHE A 1031 -4.73 4.83 27.42
C PHE A 1031 -3.75 4.84 28.58
N SER A 1032 -2.51 4.39 28.33
CA SER A 1032 -1.49 4.43 29.36
C SER A 1032 -1.22 5.85 29.82
N LEU A 1033 -1.25 6.81 28.89
CA LEU A 1033 -1.01 8.20 29.25
C LEU A 1033 -2.08 8.73 30.16
N HIS A 1034 -3.35 8.47 29.82
CA HIS A 1034 -4.46 8.90 30.67
C HIS A 1034 -4.29 8.40 32.10
N TYR A 1035 -4.03 7.10 32.24
CA TYR A 1035 -3.94 6.51 33.56
C TYR A 1035 -2.74 7.05 34.34
N GLY A 1036 -1.58 7.14 33.69
CA GLY A 1036 -0.41 7.66 34.38
C GLY A 1036 -0.57 9.12 34.79
N ILE A 1037 -1.15 9.92 33.91
CA ILE A 1037 -1.36 11.33 34.22
C ILE A 1037 -2.30 11.47 35.41
N HIS A 1038 -3.43 10.75 35.41
CA HIS A 1038 -4.35 10.86 36.52
C HIS A 1038 -3.78 10.26 37.79
N TYR A 1039 -2.88 9.29 37.67
CA TYR A 1039 -2.21 8.75 38.84
C TYR A 1039 -1.30 9.78 39.47
N ARG A 1040 -0.56 10.53 38.65
CA ARG A 1040 0.21 11.64 39.17
C ARG A 1040 -0.71 12.73 39.72
N MET A 1041 -1.90 12.86 39.14
CA MET A 1041 -2.77 13.98 39.47
C MET A 1041 -3.56 13.72 40.75
N SER A 1042 -3.38 12.56 41.37
CA SER A 1042 -4.13 12.25 42.58
C SER A 1042 -3.60 13.10 43.73
N PRO A 1043 -4.46 13.65 44.59
CA PRO A 1043 -3.92 14.36 45.76
C PRO A 1043 -3.26 13.42 46.76
N VAL A 1044 -3.92 12.31 47.07
CA VAL A 1044 -3.35 11.32 47.99
C VAL A 1044 -2.31 10.51 47.25
N LYS A 1045 -1.10 10.48 47.80
CA LYS A 1045 0.04 9.87 47.13
C LYS A 1045 0.21 8.39 47.43
N GLU A 1046 -0.80 7.75 48.01
CA GLU A 1046 -0.77 6.30 48.19
C GLU A 1046 -1.25 5.61 46.92
N ARG A 1047 -0.58 4.52 46.56
CA ARG A 1047 -0.90 3.83 45.32
C ARG A 1047 -2.34 3.32 45.30
N LEU A 1048 -2.85 2.90 46.45
CA LEU A 1048 -4.23 2.42 46.53
C LEU A 1048 -5.21 3.53 46.22
N ALA A 1049 -5.12 4.65 46.95
CA ALA A 1049 -6.04 5.76 46.72
C ALA A 1049 -5.86 6.34 45.33
N ALA A 1050 -4.63 6.40 44.86
CA ALA A 1050 -4.37 6.92 43.52
C ALA A 1050 -5.03 6.03 42.46
N THR A 1051 -4.96 4.72 42.64
CA THR A 1051 -5.57 3.82 41.67
C THR A 1051 -7.08 3.93 41.69
N GLN A 1052 -7.67 4.03 42.90
CA GLN A 1052 -9.12 4.22 42.98
C GLN A 1052 -9.55 5.51 42.29
N PHE A 1053 -8.82 6.59 42.56
CA PHE A 1053 -9.12 7.88 41.94
C PHE A 1053 -9.02 7.80 40.43
N VAL A 1054 -7.92 7.23 39.93
CA VAL A 1054 -7.70 7.07 38.50
C VAL A 1054 -8.84 6.31 37.85
N LEU A 1055 -9.15 5.12 38.38
CA LEU A 1055 -10.19 4.30 37.79
C LEU A 1055 -11.52 5.02 37.79
N SER A 1056 -11.93 5.53 38.96
CA SER A 1056 -13.23 6.19 39.09
C SER A 1056 -13.37 7.35 38.13
N ARG A 1057 -12.30 8.10 37.90
CA ARG A 1057 -12.40 9.26 37.02
C ARG A 1057 -12.39 8.85 35.56
N ILE A 1058 -11.48 7.95 35.16
CA ILE A 1058 -11.07 7.89 33.76
C ILE A 1058 -11.39 6.53 33.13
N ILE A 1059 -12.15 5.66 33.82
CA ILE A 1059 -12.41 4.35 33.24
C ILE A 1059 -13.38 4.46 32.07
N GLY A 1060 -14.33 5.40 32.15
CA GLY A 1060 -15.37 5.53 31.16
C GLY A 1060 -14.92 6.11 29.83
N PRO A 1061 -14.20 7.23 29.88
CA PRO A 1061 -13.72 7.83 28.62
C PRO A 1061 -12.84 6.90 27.80
N THR A 1062 -11.91 6.18 28.42
CA THR A 1062 -11.10 5.23 27.68
C THR A 1062 -11.95 4.15 27.04
N VAL A 1063 -12.93 3.63 27.77
CA VAL A 1063 -13.81 2.61 27.23
C VAL A 1063 -14.55 3.13 26.01
N MET A 1064 -15.11 4.33 26.11
CA MET A 1064 -15.91 4.85 25.00
C MET A 1064 -15.03 5.22 23.82
N ALA A 1065 -13.80 5.66 24.08
CA ALA A 1065 -12.87 5.94 23.00
C ALA A 1065 -12.50 4.67 22.24
N ALA A 1066 -12.07 3.64 22.98
CA ALA A 1066 -11.75 2.36 22.35
C ALA A 1066 -12.95 1.79 21.61
N THR A 1067 -14.14 1.94 22.20
CA THR A 1067 -15.34 1.45 21.55
C THR A 1067 -15.59 2.18 20.24
N THR A 1068 -15.48 3.50 20.24
CA THR A 1068 -15.73 4.27 19.02
C THR A 1068 -14.74 3.90 17.92
N THR A 1069 -13.46 3.82 18.26
CA THR A 1069 -12.44 3.43 17.29
C THR A 1069 -12.69 2.02 16.75
N GLY A 1070 -12.86 1.05 17.65
CA GLY A 1070 -13.07 -0.32 17.23
C GLY A 1070 -14.33 -0.49 16.40
N LEU A 1071 -15.36 0.29 16.71
CA LEU A 1071 -16.60 0.20 15.94
C LEU A 1071 -16.45 0.84 14.57
N ALA A 1072 -15.73 1.96 14.49
CA ALA A 1072 -15.45 2.57 13.21
C ALA A 1072 -14.69 1.62 12.31
N GLY A 1073 -13.75 0.85 12.87
CA GLY A 1073 -13.00 -0.09 12.05
C GLY A 1073 -13.78 -1.36 11.71
N GLY A 1074 -14.55 -1.87 12.68
CA GLY A 1074 -15.22 -3.14 12.48
C GLY A 1074 -16.33 -3.06 11.46
N ILE A 1075 -16.78 -1.85 11.13
CA ILE A 1075 -17.71 -1.70 10.01
C ILE A 1075 -16.94 -1.72 8.70
N MET A 1076 -15.70 -1.22 8.70
CA MET A 1076 -14.86 -1.33 7.52
C MET A 1076 -14.47 -2.77 7.25
N MET A 1077 -14.53 -3.63 8.26
CA MET A 1077 -14.35 -5.06 8.02
C MET A 1077 -15.34 -5.58 6.98
N ALA A 1078 -16.54 -4.99 6.93
CA ALA A 1078 -17.58 -5.41 5.99
C ALA A 1078 -17.41 -4.69 4.65
N SER A 1079 -16.26 -4.93 4.03
CA SER A 1079 -15.92 -4.34 2.74
C SER A 1079 -15.22 -5.35 1.87
N ASN A 1080 -15.15 -5.05 0.57
CA ASN A 1080 -14.52 -5.95 -0.40
C ASN A 1080 -13.08 -5.52 -0.69
N ILE A 1081 -12.64 -4.40 -0.12
CA ILE A 1081 -11.27 -3.93 -0.32
C ILE A 1081 -10.39 -4.42 0.82
N LEU A 1082 -9.14 -4.70 0.52
CA LEU A 1082 -8.24 -5.21 1.54
C LEU A 1082 -7.70 -4.12 2.45
N PRO A 1083 -7.33 -2.93 1.96
CA PRO A 1083 -6.99 -1.83 2.89
C PRO A 1083 -8.01 -1.60 4.00
N TYR A 1084 -9.29 -1.48 3.67
CA TYR A 1084 -10.29 -1.15 4.68
C TYR A 1084 -10.48 -2.30 5.67
N ILE A 1085 -10.46 -3.54 5.17
CA ILE A 1085 -10.54 -4.69 6.06
C ILE A 1085 -9.32 -4.71 6.98
N GLN A 1086 -8.15 -4.41 6.45
CA GLN A 1086 -6.94 -4.44 7.25
C GLN A 1086 -6.99 -3.37 8.33
N ILE A 1087 -7.57 -2.22 8.02
CA ILE A 1087 -7.72 -1.17 9.03
C ILE A 1087 -8.72 -1.60 10.08
N GLY A 1088 -9.81 -2.25 9.66
CA GLY A 1088 -10.74 -2.77 10.64
C GLY A 1088 -10.08 -3.71 11.63
N VAL A 1089 -9.37 -4.72 11.12
CA VAL A 1089 -8.62 -5.63 11.98
C VAL A 1089 -7.67 -4.84 12.87
N PHE A 1090 -6.93 -3.90 12.29
CA PHE A 1090 -5.88 -3.22 13.03
C PHE A 1090 -6.46 -2.37 14.15
N LEU A 1091 -7.47 -1.57 13.85
CA LEU A 1091 -8.06 -0.70 14.86
C LEU A 1091 -8.70 -1.51 15.97
N VAL A 1092 -9.51 -2.52 15.59
CA VAL A 1092 -10.17 -3.34 16.59
C VAL A 1092 -9.15 -4.02 17.51
N VAL A 1093 -8.16 -4.68 16.90
CA VAL A 1093 -7.14 -5.40 17.64
C VAL A 1093 -6.37 -4.46 18.56
N VAL A 1094 -5.89 -3.33 18.02
CA VAL A 1094 -5.07 -2.42 18.80
C VAL A 1094 -5.87 -1.83 19.95
N MET A 1095 -7.12 -1.46 19.69
CA MET A 1095 -7.90 -0.78 20.71
C MET A 1095 -8.26 -1.73 21.84
N ILE A 1096 -8.70 -2.94 21.50
CA ILE A 1096 -9.08 -3.90 22.53
C ILE A 1096 -7.84 -4.32 23.32
N VAL A 1097 -6.75 -4.64 22.63
CA VAL A 1097 -5.53 -5.05 23.31
C VAL A 1097 -5.01 -3.94 24.20
N SER A 1098 -4.99 -2.70 23.69
CA SER A 1098 -4.46 -1.58 24.47
C SER A 1098 -5.31 -1.31 25.69
N TRP A 1099 -6.63 -1.39 25.55
CA TRP A 1099 -7.49 -1.15 26.70
C TRP A 1099 -7.31 -2.24 27.75
N PHE A 1100 -7.24 -3.51 27.32
CA PHE A 1100 -7.14 -4.59 28.28
C PHE A 1100 -5.79 -4.62 28.96
N TYR A 1101 -4.75 -4.15 28.26
CA TYR A 1101 -3.43 -4.08 28.89
C TYR A 1101 -3.35 -2.88 29.83
N ALA A 1102 -3.73 -1.70 29.36
CA ALA A 1102 -3.59 -0.49 30.16
C ALA A 1102 -4.50 -0.52 31.37
N THR A 1103 -5.65 -1.17 31.25
CA THR A 1103 -6.63 -1.15 32.33
C THR A 1103 -6.30 -2.18 33.41
N PHE A 1104 -5.72 -3.31 33.01
CA PHE A 1104 -5.46 -4.42 33.92
C PHE A 1104 -3.98 -4.61 34.23
N PHE A 1105 -3.12 -4.66 33.21
CA PHE A 1105 -1.70 -4.86 33.46
C PHE A 1105 -1.08 -3.64 34.12
N LEU A 1106 -1.31 -2.45 33.56
CA LEU A 1106 -0.68 -1.25 34.08
C LEU A 1106 -1.26 -0.86 35.43
N MET A 1107 -2.59 -0.89 35.55
CA MET A 1107 -3.20 -0.51 36.82
C MET A 1107 -2.86 -1.50 37.92
N SER A 1108 -2.72 -2.78 37.57
CA SER A 1108 -2.26 -3.74 38.56
C SER A 1108 -0.83 -3.46 38.96
N LEU A 1109 0.01 -3.09 37.99
CA LEU A 1109 1.38 -2.72 38.31
C LEU A 1109 1.43 -1.54 39.26
N LEU A 1110 0.56 -0.55 39.04
CA LEU A 1110 0.53 0.61 39.91
C LEU A 1110 -0.03 0.26 41.28
N ARG A 1111 -1.00 -0.66 41.31
CA ARG A 1111 -1.61 -1.06 42.58
C ARG A 1111 -0.62 -1.82 43.45
N VAL A 1112 0.24 -2.63 42.83
CA VAL A 1112 1.12 -3.49 43.60
C VAL A 1112 2.45 -2.81 43.89
N ALA A 1113 3.05 -2.16 42.90
CA ALA A 1113 4.37 -1.57 43.01
C ALA A 1113 4.42 -0.21 42.33
N GLY A 1114 3.36 0.56 42.46
CA GLY A 1114 3.33 1.91 41.97
C GLY A 1114 4.10 2.83 42.90
N PRO A 1115 4.48 4.02 42.41
CA PRO A 1115 5.25 4.92 43.25
C PRO A 1115 4.39 5.71 44.21
N GLN A 1116 4.81 5.76 45.48
CA GLN A 1116 4.14 6.51 46.52
C GLN A 1116 5.13 7.44 47.22
N HIS A 1117 4.60 8.56 47.71
CA HIS A 1117 5.42 9.57 48.38
C HIS A 1117 6.49 10.13 47.45
N GLY A 1118 6.13 10.30 46.18
CA GLY A 1118 7.04 10.89 45.21
C GLY A 1118 8.30 10.08 44.98
N PHE A 1119 8.17 8.75 44.94
CA PHE A 1119 9.32 7.90 44.68
C PHE A 1119 9.68 7.94 43.20
N LEU A 1120 10.95 8.24 42.93
CA LEU A 1120 11.45 8.42 41.56
C LEU A 1120 10.65 9.49 40.83
N GLU A 1121 10.67 10.70 41.38
CA GLU A 1121 10.03 11.86 40.80
C GLU A 1121 11.10 12.85 40.34
N LEU A 1122 10.90 13.42 39.17
CA LEU A 1122 11.81 14.39 38.60
C LEU A 1122 11.58 15.77 39.20
C1 NAG B . 39.53 11.89 -24.85
C2 NAG B . 39.08 13.09 -25.67
C3 NAG B . 39.96 13.24 -26.90
C4 NAG B . 41.42 13.30 -26.51
C5 NAG B . 41.78 12.10 -25.65
C6 NAG B . 43.19 12.16 -25.12
C7 NAG B . 36.88 14.03 -26.27
C8 NAG B . 35.47 13.72 -26.65
N2 NAG B . 37.68 12.97 -26.05
O3 NAG B . 39.59 14.42 -27.61
O4 NAG B . 42.24 13.33 -27.67
O5 NAG B . 40.92 12.04 -24.52
O6 NAG B . 43.20 12.37 -23.71
O7 NAG B . 37.29 15.18 -26.16
H2 NAG B . 39.19 13.90 -25.12
H3 NAG B . 39.81 12.47 -27.49
H4 NAG B . 41.57 14.12 -25.99
H5 NAG B . 41.68 11.30 -26.18
H61 NAG B . 43.67 12.90 -25.56
H62 NAG B . 43.65 11.32 -25.32
H81 NAG B . 35.01 14.54 -26.86
H82 NAG B . 35.03 13.27 -25.90
H83 NAG B . 35.47 13.13 -27.42
HN2 NAG B . 37.33 12.13 -26.13
HO3 NAG B . 40.32 14.90 -27.76
HO6 NAG B . 42.37 12.33 -23.41
C1 NAG B . 42.90 14.34 -28.35
C2 NAG B . 44.10 13.80 -29.09
C3 NAG B . 43.83 13.79 -30.59
C4 NAG B . 43.38 15.15 -31.08
C5 NAG B . 42.29 15.77 -30.20
C6 NAG B . 40.92 15.16 -30.42
C7 NAG B . 46.56 14.19 -28.87
C8 NAG B . 46.80 12.77 -29.30
N2 NAG B . 45.28 14.60 -28.79
O3 NAG B . 42.85 12.80 -30.89
O4 NAG B . 44.49 16.03 -31.14
O5 NAG B . 42.59 15.65 -28.81
O6 NAG B . 40.46 15.38 -31.75
O7 NAG B . 47.49 14.93 -28.60
H2 NAG B . 44.19 12.88 -28.76
H3 NAG B . 44.65 13.56 -31.07
H4 NAG B . 43.02 15.05 -31.99
H5 NAG B . 42.23 16.72 -30.43
H61 NAG B . 40.29 15.58 -29.80
H62 NAG B . 40.94 14.21 -30.25
H81 NAG B . 47.75 12.59 -29.28
H82 NAG B . 46.48 12.62 -30.22
H83 NAG B . 46.34 12.14 -28.70
HN2 NAG B . 45.14 15.46 -28.53
HO3 NAG B . 42.37 13.05 -31.59
HO4 NAG B . 44.76 16.11 -31.98
HO6 NAG B . 39.72 14.91 -31.88
CAA Y01 C . -15.24 16.40 5.52
CBA Y01 C . -15.45 17.42 4.36
CAB Y01 C . -16.85 17.19 3.72
CAN Y01 C . -14.28 17.33 3.29
CAJ Y01 C . -13.68 15.89 3.05
CAO Y01 C . -12.83 15.67 1.77
CBB Y01 C . -13.58 14.83 0.65
CAC Y01 C . -14.89 15.55 0.17
CBE Y01 C . -12.61 14.50 -0.55
CAP Y01 C . -11.17 13.94 -0.21
CAQ Y01 C . -10.62 13.20 -1.39
CBG Y01 C . -11.82 13.51 -2.34
CBI Y01 C . -13.07 13.37 -1.45
CAE Y01 C . -13.34 11.92 -0.72
CAU Y01 C . -14.33 13.64 -2.23
CAS Y01 C . -14.46 12.80 -3.47
CBF Y01 C . -13.26 12.85 -4.36
CBD Y01 C . -11.90 12.56 -3.55
CAK Y01 C . -10.52 12.60 -4.37
CAI Y01 C . -11.19 12.47 -5.76
CAZ Y01 C . -12.13 11.59 -6.13
CAV Y01 C . -12.33 10.83 -7.51
CBH Y01 C . -13.44 11.74 -5.44
CAD Y01 C . -13.45 10.26 -4.80
CAT Y01 C . -14.61 12.05 -6.37
CAR Y01 C . -14.82 11.11 -7.59
CBC Y01 C . -13.60 11.03 -8.48
OAW Y01 C . -13.84 9.99 -9.49
CAY Y01 C . -13.44 10.12 -10.83
OAG Y01 C . -12.85 9.15 -11.27
CAM Y01 C . -13.71 11.36 -11.80
CAL Y01 C . -12.41 12.16 -12.17
CAX Y01 C . -11.70 11.66 -13.56
OAH Y01 C . -11.85 10.47 -13.89
OAF Y01 C . -11.06 12.51 -14.20
HAA1 Y01 C . -14.33 16.37 5.86
HAA2 Y01 C . -15.43 15.49 5.26
HAA3 Y01 C . -15.80 16.58 6.27
HBA Y01 C . -15.43 18.30 4.75
HAB1 Y01 C . -17.06 17.84 3.03
HAB2 Y01 C . -17.57 17.24 4.37
HAB3 Y01 C . -16.96 16.31 3.31
HAN1 Y01 C . -13.56 17.93 3.55
HAN2 Y01 C . -14.59 17.69 2.45
HAJ1 Y01 C . -14.41 15.25 3.03
HAJ2 Y01 C . -13.15 15.64 3.82
HAO1 Y01 C . -11.99 15.25 2.00
HAO2 Y01 C . -12.53 16.54 1.43
HBB Y01 C . -13.80 13.97 0.99
HAC1 Y01 C . -14.86 15.99 -0.68
HAC2 Y01 C . -15.22 16.24 0.76
HAC3 Y01 C . -15.62 14.91 0.10
HBE Y01 C . -12.57 15.32 -1.06
HAP1 Y01 C . -10.59 14.68 0.04
HAP2 Y01 C . -11.24 13.39 0.59
HAQ1 Y01 C . -10.49 12.25 -1.40
HAQ2 Y01 C . -9.77 13.44 -1.75
HBG Y01 C . -11.84 14.26 -2.95
HBD Y01 C . -11.96 11.76 -3.04
HAE1 Y01 C . -14.19 12.05 -0.27
HAE2 Y01 C . -12.72 11.57 -0.07
HAE3 Y01 C . -13.39 11.19 -1.34
HAU1 Y01 C . -14.18 14.51 -2.64
HAU2 Y01 C . -15.15 13.49 -1.76
HAS1 Y01 C . -15.22 13.28 -3.81
HAS2 Y01 C . -14.68 11.99 -3.04
HBF Y01 C . -13.15 13.79 -4.66
HAK1 Y01 C . -10.12 11.85 -3.83
HAK2 Y01 C . -10.25 13.31 -4.02
HAI Y01 C . -11.13 13.27 -6.16
HAV1 Y01 C . -11.55 11.04 -8.03
HAV2 Y01 C . -12.31 9.87 -7.34
HBC Y01 C . -13.56 11.90 -8.91
HAD1 Y01 C . -13.51 10.28 -3.86
HAD2 Y01 C . -12.69 9.69 -5.00
HAD3 Y01 C . -14.19 9.76 -5.15
HAT1 Y01 C . -14.51 12.93 -6.74
HAT2 Y01 C . -15.45 12.08 -5.89
HAR1 Y01 C . -15.55 11.39 -8.15
HAR2 Y01 C . -15.01 10.22 -7.30
HAM1 Y01 C . -14.35 11.96 -11.41
HAM2 Y01 C . -14.12 11.04 -12.62
HAL1 Y01 C . -11.76 12.11 -11.47
HAL2 Y01 C . -12.61 13.10 -12.26
CAA Y01 D . -17.81 10.59 5.54
CBA Y01 D . -16.54 11.47 5.38
CAB Y01 D . -16.81 12.84 6.02
CAN Y01 D . -16.06 11.58 3.87
CAJ Y01 D . -17.17 11.67 2.77
CAO Y01 D . -16.86 12.58 1.53
CBB Y01 D . -18.09 12.77 0.56
CAC Y01 D . -18.41 14.29 0.32
CBE Y01 D . -17.84 11.97 -0.75
CAP Y01 D . -17.40 10.48 -0.58
CAQ Y01 D . -17.80 9.70 -1.76
CBG Y01 D . -18.22 10.91 -2.61
CBI Y01 D . -19.06 11.78 -1.65
CAE Y01 D . -20.39 11.12 -0.94
CAU Y01 D . -19.57 13.01 -2.35
CAS Y01 D . -20.26 12.71 -3.65
CBF Y01 D . -19.49 11.83 -4.61
CBD Y01 D . -19.06 10.54 -3.84
CAK Y01 D . -18.25 9.53 -4.70
CAI Y01 D . -18.74 9.68 -6.08
CAZ Y01 D . -19.76 10.41 -6.58
CAV Y01 D . -20.30 10.44 -8.03
CBH Y01 D . -20.43 11.48 -5.77
CAD Y01 D . -21.70 10.62 -5.29
CAT Y01 D . -20.83 12.78 -6.53
CAR Y01 D . -21.30 12.68 -8.02
CBC Y01 D . -20.36 11.81 -8.83
OAW Y01 D . -20.80 11.77 -10.22
CAY Y01 D . -20.00 11.19 -11.24
OAG Y01 D . -20.63 10.48 -12.02
CAM Y01 D . -18.43 11.37 -11.47
CAL Y01 D . -17.52 10.61 -10.44
CAX Y01 D . -17.36 9.01 -10.74
OAH Y01 D . -18.20 8.48 -11.48
OAF Y01 D . -16.40 8.41 -10.21
HAA1 Y01 D . -17.82 9.80 5.00
HAA2 Y01 D . -18.63 11.05 5.30
HAA3 Y01 D . -17.94 10.29 6.45
HBA Y01 D . -15.84 11.04 5.89
HAB1 Y01 D . -16.00 13.35 6.15
HAB2 Y01 D . -17.24 12.78 6.89
HAB3 Y01 D . -17.40 13.41 5.49
HAN1 Y01 D . -15.47 10.83 3.67
HAN2 Y01 D . -15.48 12.34 3.80
HAJ1 Y01 D . -18.00 11.99 3.17
HAJ2 Y01 D . -17.38 10.78 2.46
HAO1 Y01 D . -16.10 12.24 1.05
HAO2 Y01 D . -16.52 13.43 1.85
HBB Y01 D . -18.87 12.35 0.92
HAC1 Y01 D . -17.97 14.71 -0.44
HAC2 Y01 D . -18.18 14.88 1.06
HAC3 Y01 D . -19.37 14.42 0.17
HBE Y01 D . -17.18 12.50 -1.22
HAP1 Y01 D . -16.44 10.46 -0.47
HAP2 Y01 D . -17.78 10.16 0.25
HAQ1 Y01 D . -18.54 9.07 -1.77
HAQ2 Y01 D . -17.16 9.12 -2.20
HBG Y01 D . -17.62 11.39 -3.16
HBD Y01 D . -19.77 10.11 -3.37
HAE1 Y01 D . -20.73 11.85 -0.40
HAE2 Y01 D . -20.31 10.34 -0.37
HAE3 Y01 D . -21.03 10.81 -1.58
HAU1 Y01 D . -18.77 13.45 -2.70
HAU2 Y01 D . -20.21 13.54 -1.85
HAS1 Y01 D . -20.34 13.64 -3.93
HAS2 Y01 D . -21.06 12.36 -3.26
HBF Y01 D . -18.66 12.22 -4.86
HAK1 Y01 D . -18.38 8.72 -4.21
HAK2 Y01 D . -17.34 9.72 -4.48
HAI Y01 D . -18.31 9.02 -6.55
HAV1 Y01 D . -19.77 9.81 -8.54
HAV2 Y01 D . -21.23 10.12 -8.02
HBC Y01 D . -19.51 12.26 -8.77
HAD1 Y01 D . -22.51 11.02 -5.63
HAD2 Y01 D . -21.83 10.48 -4.34
HAD3 Y01 D . -21.64 9.70 -5.62
HAT1 Y01 D . -20.09 13.39 -6.53
HAT2 Y01 D . -21.53 13.25 -6.05
HAR1 Y01 D . -21.32 13.53 -8.46
HAR2 Y01 D . -22.19 12.28 -8.09
HAM1 Y01 D . -18.19 12.31 -11.46
HAM2 Y01 D . -18.21 11.06 -12.37
HAL1 Y01 D . -17.85 10.71 -9.55
HAL2 Y01 D . -16.64 10.99 -10.42
CAA Y01 E . -7.49 31.48 13.89
CBA Y01 E . -8.98 31.02 13.96
CAB Y01 E . -9.85 32.05 13.19
CAN Y01 E . -9.52 30.77 15.45
CAJ Y01 E . -9.33 31.93 16.50
CAO Y01 E . -10.57 32.85 16.78
CBB Y01 E . -10.25 34.38 16.88
CAC Y01 E . -10.69 35.14 15.59
CBE Y01 E . -10.85 34.93 18.21
CAP Y01 E . -10.25 34.31 19.53
CAQ Y01 E . -10.14 35.34 20.58
CBG Y01 E . -11.13 36.31 19.91
CBI Y01 E . -10.65 36.42 18.46
CAE Y01 E . -9.14 36.99 18.15
CAU Y01 E . -11.56 37.35 17.68
CAS Y01 E . -11.75 38.68 18.34
CBF Y01 E . -12.13 38.65 19.80
CBD Y01 E . -11.15 37.70 20.56
CAK Y01 E . -11.50 37.54 22.07
CAI Y01 E . -12.13 38.79 22.47
CAZ Y01 E . -12.14 39.99 21.86
CAV Y01 E . -12.50 41.40 22.44
CBH Y01 E . -12.02 40.08 20.36
CAD Y01 E . -10.50 40.62 20.31
CAT Y01 E . -13.03 41.03 19.67
CAR Y01 E . -13.21 42.43 20.30
CBC Y01 E . -13.59 42.36 21.77
OAW Y01 E . -13.73 43.70 22.29
CAY Y01 E . -14.95 44.19 22.82
OAG Y01 E . -14.88 44.57 23.97
CAM Y01 E . -16.35 44.28 22.06
CAL Y01 E . -17.55 43.68 22.87
CAX Y01 E . -18.06 44.62 24.09
OAH Y01 E . -17.36 45.60 24.39
OAF Y01 E . -19.12 44.29 24.67
HAA1 Y01 E . -6.91 31.01 14.51
HAA2 Y01 E . -7.36 32.42 14.09
HAA3 Y01 E . -7.10 31.33 13.02
HBA Y01 E . -9.05 30.19 13.49
HAB1 Y01 E . -10.80 31.92 13.34
HAB2 Y01 E . -9.73 32.00 12.23
HAB3 Y01 E . -9.68 32.97 13.42
HAN1 Y01 E . -9.12 29.96 15.80
HAN2 Y01 E . -10.45 30.56 15.41
HAJ1 Y01 E . -8.60 32.50 16.24
HAJ2 Y01 E . -9.04 31.54 17.35
HAO1 Y01 E . -11.03 32.55 17.58
HAO2 Y01 E . -11.24 32.67 16.10
HBB Y01 E . -9.31 34.52 17.03
HAC1 Y01 E . -11.62 35.43 15.56
HAC2 Y01 E . -10.59 34.63 14.79
HAC3 Y01 E . -10.17 35.94 15.46
HBE Y01 E . -11.81 34.76 18.13
HAP1 Y01 E . -10.83 33.59 19.82
HAP2 Y01 E . -9.41 33.90 19.30
HAQ1 Y01 E . -9.33 35.84 20.75
HAQ2 Y01 E . -10.34 35.12 21.49
HBG Y01 E . -12.07 36.24 20.01
HBD Y01 E . -10.23 37.91 20.45
HAE1 Y01 E . -9.10 36.99 17.18
HAE2 Y01 E . -8.36 36.52 18.48
HAE3 Y01 E . -8.99 37.87 18.52
HAU1 Y01 E . -12.45 36.98 17.82
HAU2 Y01 E . -11.27 37.56 16.79
HAS1 Y01 E . -12.45 38.98 17.74
HAS2 Y01 E . -10.90 39.04 18.11
HBF Y01 E . -12.98 38.21 19.93
HAK1 Y01 E . -10.66 37.26 22.41
HAK2 Y01 E . -11.98 36.72 22.09
HAI Y01 E . -12.46 38.64 23.33
HAV1 Y01 E . -12.78 41.26 23.36
HAV2 Y01 E . -11.69 41.95 22.47
HBC Y01 E . -14.46 41.92 21.76
HAD1 Y01 E . -10.50 41.52 19.95
HAD2 Y01 E . -9.86 40.12 19.82
HAD3 Y01 E . -10.12 40.64 21.20
HAT1 Y01 E . -13.90 40.62 19.66
HAT2 Y01 E . -12.80 41.17 18.74
HAR1 Y01 E . -13.92 42.94 19.87
HAR2 Y01 E . -12.41 42.96 20.24
HAM1 Y01 E . -16.29 43.84 21.20
HAM2 Y01 E . -16.54 45.21 21.87
HAL1 Y01 E . -17.32 42.81 23.22
HAL2 Y01 E . -18.30 43.51 22.28
CAA Y01 F . -8.64 -11.43 29.58
CBA Y01 F . -10.09 -11.60 30.12
CAB Y01 F . -11.10 -11.11 29.04
CAN Y01 F . -10.30 -10.89 31.55
CAJ Y01 F . -11.27 -9.65 31.63
CAO Y01 F . -12.82 -9.93 31.57
CBB Y01 F . -13.65 -9.24 32.74
CAC Y01 F . -15.02 -8.68 32.25
CBE Y01 F . -13.81 -10.26 33.91
CAP Y01 F . -12.54 -11.09 34.30
CAQ Y01 F . -12.70 -11.62 35.70
CBG Y01 F . -14.12 -11.03 35.93
CBI Y01 F . -14.08 -9.63 35.27
CAE Y01 F . -12.96 -8.55 35.79
CAU Y01 F . -15.43 -8.96 35.41
CAS Y01 F . -15.92 -8.94 36.83
CBF Y01 F . -15.90 -10.26 37.58
CBD Y01 F . -14.48 -10.89 37.41
CAK Y01 F . -14.34 -12.29 38.09
CAI Y01 F . -15.25 -12.29 39.24
CAZ Y01 F . -16.02 -11.30 39.77
CAV Y01 F . -16.75 -11.23 41.17
CBH Y01 F . -16.17 -9.98 39.06
CAD Y01 F . -14.96 -9.23 39.79
CAT Y01 F . -17.53 -9.27 39.28
CAR Y01 F . -18.07 -9.19 40.73
CBC Y01 F . -18.19 -10.56 41.35
OAW Y01 F . -18.71 -10.41 42.72
CAY Y01 F . -20.08 -10.27 43.00
OAG Y01 F . -20.34 -9.34 43.73
CAM Y01 F . -21.27 -11.18 42.47
CAL Y01 F . -20.84 -12.65 42.12
CAX Y01 F . -19.81 -13.32 43.18
OAH Y01 F . -20.30 -13.96 44.14
OAF Y01 F . -18.60 -13.15 42.99
HAA1 Y01 F . -8.08 -12.21 29.69
HAA2 Y01 F . -8.14 -10.71 30.01
HAA3 Y01 F . -8.61 -11.23 28.64
HBA Y01 F . -10.24 -12.54 30.26
HAB1 Y01 F . -12.02 -11.31 29.27
HAB2 Y01 F . -10.95 -11.52 28.17
HAB3 Y01 F . -11.08 -10.16 28.86
HAN1 Y01 F . -9.44 -10.63 31.91
HAN2 Y01 F . -10.61 -11.55 32.18
HAJ1 Y01 F . -11.05 -9.04 30.92
HAJ2 Y01 F . -11.07 -9.16 32.43
HAO1 Y01 F . -12.99 -10.87 31.56
HAO2 Y01 F . -13.15 -9.67 30.70
HBB Y01 F . -13.16 -8.53 33.12
HAC1 Y01 F . -15.78 -9.28 32.32
HAC2 Y01 F . -15.04 -8.42 31.32
HAC3 Y01 F . -15.27 -7.89 32.75
HBE Y01 F . -14.55 -10.81 33.65
HAP1 Y01 F . -12.43 -11.81 33.67
HAP2 Y01 F . -11.78 -10.51 34.21
HAQ1 Y01 F . -12.15 -11.34 36.43
HAQ2 Y01 F . -12.64 -12.57 35.86
HBG Y01 F . -14.91 -11.52 35.79
HBD Y01 F . -13.77 -10.32 37.65
HAE1 Y01 F . -13.45 -7.77 36.05
HAE2 Y01 F . -12.25 -8.26 35.20
HAE3 Y01 F . -12.43 -8.90 36.50
HAU1 Y01 F . -16.06 -9.60 35.04
HAU2 Y01 F . -15.47 -8.05 35.11
HAS1 Y01 F . -16.80 -8.61 36.62
HAS2 Y01 F . -15.32 -8.27 37.14
HBF Y01 F . -16.47 -10.90 37.15
HAK1 Y01 F . -13.38 -12.34 38.20
HAK2 Y01 F . -14.45 -12.90 37.36
HAI Y01 F . -15.15 -13.12 39.62
HAV1 Y01 F . -16.81 -12.14 41.49
HAV2 Y01 F . -16.18 -10.75 41.79
HBC Y01 F . -18.85 -11.02 40.81
HAD1 Y01 F . -14.69 -8.46 39.29
HAD2 Y01 F . -14.16 -9.74 39.97
HAD3 Y01 F . -15.22 -8.93 40.67
HAT1 Y01 F . -18.21 -9.71 38.75
HAT2 Y01 F . -17.51 -8.36 38.94
HAR1 Y01 F . -18.96 -8.80 40.77
HAR2 Y01 F . -17.49 -8.66 41.29
HAM1 Y01 F . -21.69 -10.78 41.70
HAM2 Y01 F . -21.97 -11.21 43.15
HAL1 Y01 F . -20.44 -12.69 41.23
HAL2 Y01 F . -21.63 -13.22 42.06
CAA Y01 G . -13.97 -2.73 20.58
CBA Y01 G . -15.52 -2.79 20.62
CAB Y01 G . -15.99 -3.77 21.73
CAN Y01 G . -16.15 -3.15 19.20
CAJ Y01 G . -15.71 -4.52 18.56
CAO Y01 G . -16.79 -5.65 18.50
CBB Y01 G . -16.55 -6.67 17.32
CAC Y01 G . -16.71 -8.15 17.78
CBE Y01 G . -17.52 -6.28 16.14
CAP Y01 G . -17.52 -4.77 15.71
CAQ Y01 G . -18.14 -4.66 14.37
CBG Y01 G . -18.36 -6.17 14.13
CBI Y01 G . -17.16 -6.89 14.79
CAE Y01 G . -15.64 -6.62 14.25
CAU Y01 G . -17.35 -8.39 14.69
CAS Y01 G . -17.58 -8.84 13.26
CBF Y01 G . -18.64 -8.10 12.48
CBD Y01 G . -18.42 -6.55 12.64
CAK Y01 G . -19.52 -5.70 11.95
CAI Y01 G . -19.97 -6.49 10.80
CAZ Y01 G . -19.40 -7.57 10.21
CAV Y01 G . -19.66 -8.19 8.79
CBH Y01 G . -18.49 -8.48 11.00
CAD Y01 G . -17.12 -8.00 10.39
CAT Y01 G . -18.73 -10.00 10.78
CAR Y01 G . -18.89 -10.48 9.32
CBC Y01 G . -20.00 -9.75 8.60
OAW Y01 G . -20.10 -10.25 7.22
CAY Y01 G . -20.91 -9.62 6.25
OAG Y01 G . -20.32 -9.35 5.22
CAM Y01 G . -22.45 -9.25 6.38
CAL Y01 G . -22.78 -7.75 6.04
CAX Y01 G . -22.74 -7.41 4.45
OAH Y01 G . -23.80 -7.53 3.80
OAF Y01 G . -21.66 -7.02 3.96
HAA1 Y01 G . -13.61 -1.83 20.65
HAA2 Y01 G . -13.58 -3.08 19.77
HAA3 Y01 G . -13.56 -3.22 21.30
HBA Y01 G . -15.84 -1.91 20.85
HAB1 Y01 G . -16.95 -3.77 21.84
HAB2 Y01 G . -15.62 -3.55 22.60
HAB3 Y01 G . -15.75 -4.69 21.58
HAN1 Y01 G . -15.97 -2.44 18.58
HAN2 Y01 G . -17.12 -3.14 19.28
HAJ1 Y01 G . -14.96 -4.86 19.05
HAJ2 Y01 G . -15.38 -4.35 17.68
HAO1 Y01 G . -17.68 -5.28 18.44
HAO2 Y01 G . -16.82 -6.10 19.35
HBB Y01 G . -15.69 -6.55 16.94
HAC1 Y01 G . -17.59 -8.55 17.67
HAC2 Y01 G . -16.52 -8.31 18.72
HAC3 Y01 G . -16.13 -8.74 17.29
HBE Y01 G . -18.39 -6.60 16.42
HAP1 Y01 G . -18.04 -4.27 16.36
HAP2 Y01 G . -16.63 -4.44 15.75
HAQ1 Y01 G . -17.67 -4.32 13.60
HAQ2 Y01 G . -18.93 -4.13 14.23
HBG Y01 G . -19.19 -6.58 14.25
HBD Y01 G . -17.55 -6.25 12.40
HAE1 Y01 G . -15.10 -7.21 14.80
HAE2 Y01 G . -15.25 -5.73 14.30
HAE3 Y01 G . -15.54 -6.82 13.32
HAU1 Y01 G . -18.22 -8.57 15.05
HAU2 Y01 G . -16.60 -8.92 14.98
HAS1 Y01 G . -17.82 -9.75 13.51
HAS2 Y01 G . -16.67 -8.76 12.99
HBF Y01 G . -19.51 -8.23 12.88
HAK1 Y01 G . -19.07 -4.87 11.84
HAK2 Y01 G . -20.12 -5.48 12.66
HAI Y01 G . -20.72 -6.05 10.48
HAV1 Y01 G . -20.38 -7.69 8.39
HAV2 Y01 G . -18.87 -8.06 8.24
HBC Y01 G . -20.80 -9.98 9.08
HAD1 Y01 G . -16.73 -8.69 9.84
HAD2 Y01 G . -16.42 -7.71 10.99
HAD3 Y01 G . -17.24 -7.21 9.83
HAT1 Y01 G . -19.54 -10.28 11.24
HAT2 Y01 G . -18.03 -10.54 11.19
HAR1 Y01 G . -19.11 -11.43 9.26
HAR2 Y01 G . -18.08 -10.35 8.81
HAM1 Y01 G . -22.78 -9.46 7.27
HAM2 Y01 G . -22.96 -9.82 5.77
HAL1 Y01 G . -22.17 -7.16 6.49
HAL2 Y01 G . -23.66 -7.52 6.38
CAA Y01 H . -7.86 -10.31 25.46
CBA Y01 H . -6.55 -10.21 24.62
CAB Y01 H . -5.73 -9.03 25.16
CAN Y01 H . -6.74 -10.10 23.01
CAJ Y01 H . -8.20 -10.26 22.37
CAO Y01 H . -8.47 -9.44 21.07
CBB Y01 H . -9.74 -9.96 20.27
CAC Y01 H . -11.01 -9.17 20.66
CBE Y01 H . -9.46 -9.98 18.73
CAP Y01 H . -8.26 -10.88 18.30
CAQ Y01 H . -8.39 -11.31 16.92
CBG Y01 H . -9.68 -10.53 16.60
CBI Y01 H . -10.56 -10.57 17.87
CAE Y01 H . -11.21 -11.97 18.40
CAU Y01 H . -11.78 -9.68 17.62
CAS Y01 H . -12.55 -10.06 16.39
CBF Y01 H . -11.75 -10.31 15.11
CBD Y01 H . -10.44 -11.12 15.41
CAK Y01 H . -9.51 -11.20 14.18
CAI Y01 H . -10.41 -11.28 13.06
CAZ Y01 H . -11.69 -11.69 13.05
CAV Y01 H . -12.51 -12.05 11.77
CBH Y01 H . -12.62 -11.14 14.13
CAD Y01 H . -13.12 -12.53 14.77
CAT Y01 H . -13.82 -10.31 13.61
CAR Y01 H . -14.57 -10.89 12.38
CBC Y01 H . -13.62 -11.08 11.21
OAW Y01 H . -14.33 -11.49 10.00
CAY Y01 H . -13.63 -11.62 8.77
OAG Y01 H . -14.20 -12.31 7.96
CAM Y01 H . -12.22 -10.96 8.39
CAL Y01 H . -11.32 -11.82 7.45
CAX Y01 H . -11.23 -11.25 5.92
OAH Y01 H . -12.21 -10.65 5.47
OAF Y01 H . -10.17 -11.46 5.29
HAA1 Y01 H . -8.48 -10.99 25.16
HAA2 Y01 H . -8.39 -9.49 25.45
HAA3 Y01 H . -7.69 -10.50 26.39
HBA Y01 H . -6.04 -11.01 24.79
HAB1 Y01 H . -4.82 -9.04 24.85
HAB2 Y01 H . -5.68 -9.00 26.11
HAB3 Y01 H . -6.07 -8.16 24.91
HAN1 Y01 H . -6.16 -10.75 22.59
HAN2 Y01 H . -6.38 -9.26 22.73
HAJ1 Y01 H . -8.87 -10.01 23.00
HAJ2 Y01 H . -8.36 -11.20 22.19
HAO1 Y01 H . -7.69 -9.43 20.50
HAO2 Y01 H . -8.57 -8.51 21.30
HBB Y01 H . -9.88 -10.89 20.46
HAC1 Y01 H . -11.23 -8.39 20.12
HAC2 Y01 H . -11.01 -8.82 21.56
HAC3 Y01 H . -11.81 -9.73 20.60
HBE Y01 H . -9.33 -9.05 18.50
HAP1 Y01 H . -7.44 -10.38 18.42
HAP2 Y01 H . -8.21 -11.61 18.92
HAQ1 Y01 H . -8.55 -12.23 16.67
HAQ2 Y01 H . -7.68 -11.16 16.29
HBG Y01 H . -9.68 -9.69 16.15
HBD Y01 H . -10.60 -11.98 15.78
HAE1 Y01 H . -11.73 -11.70 19.17
HAE2 Y01 H . -10.64 -12.70 18.67
HAE3 Y01 H . -11.76 -12.41 17.74
HAU1 Y01 H . -11.41 -8.82 17.35
HAU2 Y01 H . -12.44 -9.70 18.33
HAS1 Y01 H . -13.07 -9.23 16.36
HAS2 Y01 H . -13.02 -10.77 16.79
HBF Y01 H . -11.39 -9.46 14.79
HAK1 Y01 H . -8.94 -11.93 14.41
HAK2 Y01 H . -8.91 -10.47 14.31
HAI Y01 H . -10.01 -10.81 12.38
HAV1 Y01 H . -11.85 -12.18 11.07
HAV2 Y01 H . -12.96 -12.89 11.91
HBC Y01 H . -13.26 -10.21 11.08
HAD1 Y01 H . -13.85 -12.36 15.39
HAD2 Y01 H . -12.48 -13.07 15.25
HAD3 Y01 H . -13.46 -13.14 14.11
HAT1 Y01 H . -13.51 -9.43 13.35
HAT2 Y01 H . -14.46 -10.15 14.32
HAR1 Y01 H . -15.27 -10.30 12.05
HAR2 Y01 H . -14.98 -11.74 12.57
HAM1 Y01 H . -11.71 -10.76 9.20
HAM2 Y01 H . -12.37 -10.10 7.98
HAL1 Y01 H . -11.63 -12.74 7.41
HAL2 Y01 H . -10.42 -11.89 7.80
CAA Y01 I . -1.21 -16.85 21.71
CBA Y01 I . -0.77 -15.44 21.23
CAB Y01 I . -0.05 -14.73 22.39
CAN Y01 I . -1.97 -14.55 20.67
CAJ Y01 I . -3.40 -14.86 21.21
CAO Y01 I . -4.55 -13.92 20.71
CBB Y01 I . -5.89 -14.66 20.36
CAC Y01 I . -7.14 -13.93 20.96
CBE Y01 I . -5.92 -14.82 18.81
CAP Y01 I . -4.71 -15.59 18.20
CAQ Y01 I . -5.08 -16.23 16.93
CBG Y01 I . -6.47 -15.60 16.83
CBI Y01 I . -7.06 -15.69 18.26
CAE Y01 I . -7.28 -17.14 18.98
CAU Y01 I . -8.43 -15.03 18.29
CAS Y01 I . -9.36 -15.57 17.24
CBF Y01 I . -8.82 -15.63 15.83
CBD Y01 I . -7.41 -16.33 15.86
CAK Y01 I . -6.73 -16.39 14.46
CAI Y01 I . -7.81 -16.51 13.48
CAZ Y01 I . -9.14 -16.71 13.65
CAV Y01 I . -10.24 -17.02 12.58
CBH Y01 I . -9.79 -16.45 14.98
CAD Y01 I . -9.91 -17.97 15.47
CAT Y01 I . -11.17 -15.72 14.92
CAR Y01 I . -12.17 -16.15 13.82
CBC Y01 I . -11.54 -16.10 12.45
OAW Y01 I . -12.54 -16.48 11.45
CAY Y01 I . -12.35 -16.27 10.06
OAG Y01 I . -12.97 -17.05 9.37
CAM Y01 I . -11.45 -15.15 9.36
CAL Y01 I . -9.93 -15.51 9.31
CAX Y01 I . -9.16 -15.01 7.95
OAH Y01 I . -9.83 -14.86 6.91
OAF Y01 I . -7.93 -14.81 8.02
HAA1 Y01 I . -1.77 -17.33 21.07
HAA2 Y01 I . -1.74 -16.84 22.52
HAA3 Y01 I . -0.47 -17.43 21.88
HBA Y01 I . -0.14 -15.56 20.52
HAB1 Y01 I . 0.76 -14.28 22.10
HAB2 Y01 I . 0.22 -15.33 23.09
HAB3 Y01 I . -0.57 -14.06 22.83
HAN1 Y01 I . -1.97 -14.61 19.71
HAN2 Y01 I . -1.76 -13.63 20.84
HAJ1 Y01 I . -3.39 -14.83 22.17
HAJ2 Y01 I . -3.63 -15.77 21.00
HAO1 Y01 I . -4.25 -13.42 19.95
HAO2 Y01 I . -4.69 -13.23 21.37
HBB Y01 I . -5.88 -15.57 20.66
HAC1 Y01 I . -7.55 -13.27 20.40
HAC2 Y01 I . -6.96 -13.46 21.78
HAC3 Y01 I . -7.84 -14.58 21.16
HBE Y01 I . -6.02 -13.93 18.47
HAP1 Y01 I . -3.99 -14.95 18.07
HAP2 Y01 I . -4.39 -16.21 18.87
HAQ1 Y01 I . -5.20 -17.19 16.84
HAQ2 Y01 I . -4.54 -16.11 16.14
HBG Y01 I . -6.64 -14.80 16.39
HBD Y01 I . -7.41 -17.17 16.29
HAE1 Y01 I . -7.64 -16.91 19.85
HAE2 Y01 I . -6.53 -17.73 19.12
HAE3 Y01 I . -7.87 -17.71 18.48
HAU1 Y01 I . -8.28 -14.14 17.94
HAU2 Y01 I . -8.91 -15.14 19.11
HAS1 Y01 I . -10.05 -14.90 17.37
HAS2 Y01 I . -9.55 -16.40 17.68
HBF Y01 I . -8.60 -14.75 15.50
HAK1 Y01 I . -6.10 -17.10 14.61
HAK2 Y01 I . -6.15 -15.63 14.47
HAI Y01 I . -7.37 -16.61 12.67
HAV1 Y01 I . -9.80 -17.04 11.73
HAV2 Y01 I . -10.59 -17.92 12.75
HBC Y01 I . -11.28 -15.19 12.32
HAD1 Y01 I . -10.84 -18.21 15.57
HAD2 Y01 I . -9.47 -18.21 16.30
HAD3 Y01 I . -9.50 -18.56 14.82
HAT1 Y01 I . -11.02 -14.78 14.79
HAT2 Y01 I . -11.64 -15.79 15.77
HAR1 Y01 I . -12.95 -15.57 13.77
HAR2 Y01 I . -12.49 -17.06 13.97
HAM1 Y01 I . -11.56 -14.30 9.80
HAM2 Y01 I . -11.77 -15.02 8.46
HAL1 Y01 I . -9.79 -16.46 9.39
HAL2 Y01 I . -9.46 -15.12 10.06
CAA Y01 J . 7.45 -20.05 28.62
CBA Y01 J . 7.03 -18.63 28.15
CAB Y01 J . 5.63 -18.28 28.75
CAN Y01 J . 7.05 -18.48 26.58
CAJ Y01 J . 6.14 -19.47 25.77
CAO Y01 J . 6.11 -19.28 24.21
CBB Y01 J . 5.03 -20.16 23.48
CAC Y01 J . 3.60 -19.60 23.74
CBE Y01 J . 5.44 -20.29 21.98
CAP Y01 J . 6.76 -21.15 21.71
CAQ Y01 J . 6.64 -21.89 20.43
CBG Y01 J . 5.46 -21.04 19.91
CBI Y01 J . 4.45 -21.00 21.08
CAE Y01 J . 3.86 -22.40 21.68
CAU Y01 J . 3.24 -20.20 20.65
CAS Y01 J . 2.62 -20.68 19.38
CBF Y01 J . 3.56 -20.79 18.21
CBD Y01 J . 4.80 -21.65 18.66
CAK Y01 J . 5.88 -21.80 17.55
CAI Y01 J . 5.16 -21.69 16.28
CAZ Y01 J . 3.84 -21.85 16.00
CAV Y01 J . 3.12 -22.11 14.61
CBH Y01 J . 2.82 -21.52 17.06
CAD Y01 J . 2.40 -23.02 17.45
CAT Y01 J . 1.62 -20.68 16.55
CAR Y01 J . 0.90 -21.21 15.30
CBC Y01 J . 1.83 -21.28 14.11
OAW Y01 J . 1.09 -21.83 12.99
CAY Y01 J . 0.63 -21.01 11.93
OAG Y01 J . 0.61 -21.57 10.85
CAM Y01 J . 0.15 -19.50 12.02
CAL Y01 J . 0.83 -18.54 10.99
CAX Y01 J . -0.17 -17.91 9.87
OAH Y01 J . -1.24 -18.51 9.63
OAF Y01 J . 0.20 -16.87 9.29
HAA1 Y01 J . 8.17 -20.44 28.12
HAA2 Y01 J . 6.73 -20.71 28.55
HAA3 Y01 J . 7.73 -20.07 29.55
HBA Y01 J . 7.66 -18.00 28.53
HAB1 Y01 J . 5.38 -17.36 28.60
HAB2 Y01 J . 5.57 -18.43 29.70
HAB3 Y01 J . 4.90 -18.81 28.37
HAN1 Y01 J . 7.97 -18.56 26.27
HAN2 Y01 J . 6.82 -17.57 26.34
HAJ1 Y01 J . 5.24 -19.39 26.10
HAJ2 Y01 J . 6.40 -20.37 25.97
HAO1 Y01 J . 6.99 -19.46 23.85
HAO2 Y01 J . 5.99 -18.35 24.02
HBB Y01 J . 5.07 -21.08 23.77
HAC1 Y01 J . 3.28 -18.93 23.13
HAC2 Y01 J . 3.48 -19.19 24.59
HAC3 Y01 J . 2.94 -20.30 23.69
HBE Y01 J . 5.54 -19.37 21.67
HAP1 Y01 J . 7.52 -20.56 21.69
HAP2 Y01 J . 6.89 -21.72 22.47
HAQ1 Y01 J . 6.37 -22.82 20.38
HAQ2 Y01 J . 7.39 -21.95 19.84
HBG Y01 J . 5.57 -20.22 19.46
HBD Y01 J . 4.57 -22.49 19.05
HAE1 Y01 J . 3.20 -22.11 22.33
HAE2 Y01 J . 4.45 -23.04 22.13
HAE3 Y01 J . 3.47 -22.97 21.00
HAU1 Y01 J . 3.59 -19.34 20.35
HAU2 Y01 J . 2.50 -20.20 21.28
HAS1 Y01 J . 1.98 -19.97 19.30
HAS2 Y01 J . 2.26 -21.48 19.73
HBF Y01 J . 3.96 -19.94 18.01
HAK1 Y01 J . 6.31 -22.62 17.84
HAK2 Y01 J . 6.55 -21.16 17.80
HAI Y01 J . 5.81 -21.54 15.63
HAV1 Y01 J . 3.81 -22.01 13.94
HAV2 Y01 J . 2.84 -23.04 14.59
HBC Y01 J . 2.08 -20.37 13.94
HAD1 Y01 J . 1.75 -23.02 18.16
HAD2 Y01 J . 3.09 -23.64 17.70
HAD3 Y01 J . 1.98 -23.47 16.70
HAT1 Y01 J . 1.93 -19.79 16.35
HAT2 Y01 J . 0.96 -20.55 17.24
HAR1 Y01 J . 0.18 -20.64 15.02
HAR2 Y01 J . 0.55 -22.09 15.44
HAM1 Y01 J . 0.31 -19.16 12.92
HAM2 Y01 J . -0.81 -19.46 11.90
HAL1 Y01 J . 1.56 -18.99 10.53
HAL2 Y01 J . 1.26 -17.80 11.45
CAA Y01 K . 3.75 15.83 16.04
CBA Y01 K . 4.78 16.75 16.74
CAB Y01 K . 4.95 18.04 15.92
CAN Y01 K . 6.16 16.00 17.04
CAJ Y01 K . 6.92 15.38 15.80
CAO Y01 K . 7.82 16.36 14.96
CBB Y01 K . 8.01 15.91 13.46
CAC Y01 K . 7.62 17.05 12.45
CBE Y01 K . 9.46 15.38 13.34
CAP Y01 K . 9.76 14.13 14.23
CAQ Y01 K . 10.85 13.33 13.65
CBG Y01 K . 11.20 14.31 12.51
CBI Y01 K . 9.87 14.85 11.97
CAE Y01 K . 8.79 13.86 11.27
CAU Y01 K . 10.15 15.90 10.92
CAS Y01 K . 11.03 15.42 9.82
CBF Y01 K . 12.28 14.66 10.22
CBD Y01 K . 11.97 13.63 11.36
CAK Y01 K . 13.25 12.96 11.93
CAI Y01 K . 14.15 12.82 10.77
CAZ Y01 K . 13.89 12.95 9.45
CAV Y01 K . 14.71 12.45 8.18
CBH Y01 K . 12.79 13.88 8.98
CAD Y01 K . 11.74 12.78 8.50
CAT Y01 K . 13.20 14.85 7.84
CAR Y01 K . 13.91 14.22 6.62
CBC Y01 K . 15.15 13.46 7.00
OAW Y01 K . 15.72 12.85 5.79
CAY Y01 K . 17.08 12.50 5.68
OAG Y01 K . 17.27 11.48 5.06
CAM Y01 K . 18.33 13.28 6.27
CAL Y01 K . 18.58 13.04 7.79
CAX Y01 K . 18.98 11.50 8.16
OAH Y01 K . 20.19 11.20 8.15
OAF Y01 K . 18.06 10.71 8.45
HAA1 Y01 K . 3.66 14.96 16.44
HAA2 Y01 K . 3.97 15.66 15.12
HAA3 Y01 K . 2.86 16.21 16.03
HBA Y01 K . 4.40 16.99 17.60
HAB1 Y01 K . 5.63 18.62 16.27
HAB2 Y01 K . 4.14 18.58 15.87
HAB3 Y01 K . 5.19 17.89 15.00
HAN1 Y01 K . 6.01 15.31 17.69
HAN2 Y01 K . 6.76 16.62 17.49
HAJ1 Y01 K . 6.27 14.99 15.21
HAJ2 Y01 K . 7.46 14.65 16.11
HAO1 Y01 K . 8.68 16.47 15.39
HAO2 Y01 K . 7.45 17.25 15.02
HBB Y01 K . 7.49 15.12 13.27
HAC1 Y01 K . 8.30 17.69 12.22
HAC2 Y01 K . 6.87 17.60 12.73
HAC3 Y01 K . 7.34 16.66 11.59
HBE Y01 K . 10.03 16.13 13.56
HAP1 Y01 K . 9.99 14.43 15.12
HAP2 Y01 K . 8.94 13.63 14.33
HAQ1 Y01 K . 10.71 12.46 13.27
HAQ2 Y01 K . 11.61 13.08 14.20
HBG Y01 K . 11.89 14.94 12.57
HBD Y01 K . 11.31 12.98 11.16
HAE1 Y01 K . 8.06 14.44 11.04
HAE2 Y01 K . 8.42 13.11 11.76
HAE3 Y01 K . 9.16 13.41 10.49
HAU1 Y01 K . 10.74 16.55 11.35
HAU2 Y01 K . 9.36 16.23 10.46
HAS1 Y01 K . 11.22 16.31 9.47
HAS2 Y01 K . 10.36 14.96 9.34
HBF Y01 K . 12.92 15.25 10.66
HAK1 Y01 K . 12.90 12.19 12.37
HAK2 Y01 K . 13.48 13.50 12.68
HAI Y01 K . 14.94 12.49 11.11
HAV1 Y01 K . 15.51 12.04 8.54
HAV2 Y01 K . 14.21 11.76 7.74
HBC Y01 K . 15.76 14.12 7.34
HAD1 Y01 K . 11.64 12.83 7.55
HAD2 Y01 K . 10.86 12.81 8.89
HAD3 Y01 K . 12.04 11.90 8.74
HAT1 Y01 K . 13.80 15.52 8.19
HAT2 Y01 K . 12.44 15.34 7.50
HAR1 Y01 K . 14.20 14.89 5.98
HAR2 Y01 K . 13.33 13.61 6.14
HAM1 Y01 K . 18.24 14.23 6.11
HAM2 Y01 K . 19.13 13.02 5.78
HAL1 Y01 K . 17.80 13.29 8.32
HAL2 Y01 K . 19.28 13.63 8.12
C1 NAG L . -20.31 -33.11 -39.35
C2 NAG L . -18.92 -32.62 -38.90
C3 NAG L . -17.85 -33.15 -39.84
C4 NAG L . -17.95 -34.68 -39.92
C5 NAG L . -19.36 -35.10 -40.32
C6 NAG L . -19.56 -36.60 -40.28
C7 NAG L . -18.17 -30.48 -37.96
C8 NAG L . -18.25 -28.98 -38.05
N2 NAG L . -18.89 -31.16 -38.85
O3 NAG L . -16.57 -32.78 -39.36
O4 NAG L . -17.02 -35.18 -40.88
O5 NAG L . -20.31 -34.54 -39.39
O6 NAG L . -19.18 -37.14 -39.02
O7 NAG L . -17.47 -31.04 -37.11
H2 NAG L . -18.76 -32.97 -38.01
H3 NAG L . -17.98 -32.77 -40.73
H4 NAG L . -17.75 -35.05 -39.04
H5 NAG L . -19.56 -34.77 -41.21
H61 NAG L . -19.00 -37.01 -40.97
H62 NAG L . -20.49 -36.80 -40.45
H81 NAG L . -17.88 -28.59 -37.23
H82 NAG L . -19.18 -28.72 -38.15
H83 NAG L . -17.73 -28.68 -38.81
HN2 NAG L . -19.38 -30.69 -39.45
HO3 NAG L . -15.94 -33.25 -39.79
HO4 NAG L . -16.48 -35.77 -40.47
HO6 NAG L . -18.56 -37.76 -39.13
#